data_4QAE
#
_entry.id   4QAE
#
_cell.length_a   126.894
_cell.length_b   126.894
_cell.length_c   156.707
_cell.angle_alpha   90.000
_cell.angle_beta   90.000
_cell.angle_gamma   120.000
#
_symmetry.space_group_name_H-M   'P 31 2 1'
#
loop_
_entity.id
_entity.type
_entity.pdbx_description
1 polymer Hepcidin
2 polymer 'Neutrophil gelatinase-associated lipocalin'
3 non-polymer 'CHLORIDE ION'
4 non-polymer (4S)-2-METHYL-2,4-PENTANEDIOL
5 water water
#
loop_
_entity_poly.entity_id
_entity_poly.type
_entity_poly.pdbx_seq_one_letter_code
_entity_poly.pdbx_strand_id
1 'polypeptide(L)' DTHFPICIFCCGCCHRSKCGMCCKT P,Q,R,S,T,U
2 'polypeptide(L)'
;QDSTSDLIPAPPLSKVPLQQNFQDNQFHGKWYVVGLAGNEVLREDKDPMKMWATIYELEEDKSYNVTIVMPLAEKCEYLF
QTFVPGSQPGEFTLGGIKSGPGRTSGLVRVVSTNYNQHAMVFFKVVWQNREVFWVTLYGRTKELTSELKENFIRFSKSLG
LPENHIVFPVPIDQCIDGSAWSHPQFEK
;
A,B,C,D,E,F
#
# COMPACT_ATOMS: atom_id res chain seq x y z
N ASP A 1 -26.68 -19.30 21.91
CA ASP A 1 -26.53 -18.23 22.92
C ASP A 1 -25.30 -17.37 22.57
N THR A 2 -25.01 -16.38 23.41
CA THR A 2 -23.96 -15.41 23.13
C THR A 2 -22.67 -16.11 22.80
N HIS A 3 -21.98 -15.57 21.81
CA HIS A 3 -20.69 -16.07 21.43
C HIS A 3 -19.66 -15.17 22.11
N PHE A 4 -18.66 -15.77 22.73
CA PHE A 4 -17.64 -15.02 23.48
C PHE A 4 -16.32 -15.46 22.92
N PRO A 5 -15.79 -14.67 22.01
CA PRO A 5 -14.53 -15.03 21.40
C PRO A 5 -13.34 -14.82 22.38
N ILE A 6 -12.33 -15.65 22.24
CA ILE A 6 -11.20 -15.63 23.14
C ILE A 6 -10.05 -14.99 22.37
N CYS A 7 -9.70 -13.77 22.72
CA CYS A 7 -8.69 -13.02 22.04
C CYS A 7 -7.64 -12.52 23.02
N ILE A 8 -6.40 -12.42 22.55
CA ILE A 8 -5.27 -11.87 23.28
C ILE A 8 -4.42 -11.00 22.38
N PHE A 9 -3.69 -10.07 22.99
CA PHE A 9 -2.66 -9.28 22.28
C PHE A 9 -1.38 -10.11 22.13
N CYS A 10 -0.86 -10.21 20.91
CA CYS A 10 0.33 -10.97 20.66
C CYS A 10 1.16 -10.32 19.56
N CYS A 11 2.50 -10.35 19.74
CA CYS A 11 3.45 -10.08 18.66
C CYS A 11 3.83 -11.43 18.05
N GLY A 12 3.22 -11.75 16.91
CA GLY A 12 3.26 -13.07 16.36
C GLY A 12 1.89 -13.71 16.39
N CYS A 13 1.85 -15.01 16.72
CA CYS A 13 0.60 -15.75 16.88
C CYS A 13 -0.16 -15.83 15.52
N CYS A 14 -1.18 -15.02 15.30
CA CYS A 14 -2.01 -15.14 14.11
C CYS A 14 -1.30 -14.42 12.94
N HIS A 15 -0.24 -13.68 13.23
CA HIS A 15 0.39 -12.88 12.21
C HIS A 15 1.85 -12.63 12.55
N ARG A 16 2.67 -13.31 11.81
CA ARG A 16 4.07 -13.22 11.97
C ARG A 16 4.53 -11.78 11.84
N SER A 17 5.37 -11.33 12.76
CA SER A 17 6.03 -10.02 12.66
C SER A 17 5.05 -8.88 12.81
N LYS A 18 3.81 -9.14 13.24
CA LYS A 18 2.89 -8.08 13.54
C LYS A 18 2.41 -8.23 14.97
N CYS A 19 2.06 -7.11 15.57
CA CYS A 19 1.51 -7.10 16.90
C CYS A 19 0.06 -6.58 16.81
N GLY A 20 -0.88 -7.34 17.43
CA GLY A 20 -2.30 -6.99 17.46
C GLY A 20 -3.09 -8.07 18.15
N MET A 21 -4.40 -7.97 18.02
CA MET A 21 -5.30 -8.95 18.62
C MET A 21 -5.40 -10.20 17.79
N CYS A 22 -5.25 -11.35 18.46
CA CYS A 22 -5.46 -12.63 17.84
C CYS A 22 -6.53 -13.37 18.62
N CYS A 23 -7.48 -13.99 17.90
CA CYS A 23 -8.64 -14.63 18.48
C CYS A 23 -8.62 -16.07 18.09
N LYS A 24 -8.88 -16.91 19.08
CA LYS A 24 -8.69 -18.34 18.95
C LYS A 24 -9.77 -18.89 18.01
N THR A 25 -9.31 -19.56 16.95
CA THR A 25 -10.14 -20.36 16.07
C THR A 25 -9.64 -21.81 15.96
N THR B 2 -28.32 6.06 22.63
CA THR B 2 -29.55 5.38 22.09
C THR B 2 -29.30 4.79 20.67
N HIS B 3 -28.05 4.75 20.25
CA HIS B 3 -27.68 4.57 18.83
C HIS B 3 -27.58 3.08 18.44
N PHE B 4 -28.44 2.63 17.53
CA PHE B 4 -28.48 1.21 17.16
C PHE B 4 -28.22 1.03 15.65
N PRO B 5 -26.95 1.20 15.22
CA PRO B 5 -26.63 1.13 13.78
C PRO B 5 -26.93 -0.26 13.18
N ILE B 6 -27.52 -0.31 12.00
CA ILE B 6 -27.84 -1.60 11.40
C ILE B 6 -26.69 -2.08 10.46
N CYS B 7 -25.92 -3.08 10.90
CA CYS B 7 -24.75 -3.58 10.12
C CYS B 7 -24.86 -5.05 9.76
N ILE B 8 -24.33 -5.40 8.60
CA ILE B 8 -24.30 -6.79 8.13
C ILE B 8 -22.96 -7.07 7.50
N PHE B 9 -22.64 -8.35 7.41
CA PHE B 9 -21.46 -8.76 6.68
C PHE B 9 -21.85 -8.95 5.24
N CYS B 10 -21.08 -8.35 4.35
CA CYS B 10 -21.39 -8.45 2.94
C CYS B 10 -20.13 -8.54 2.10
N CYS B 11 -20.18 -9.35 1.04
CA CYS B 11 -19.19 -9.28 -0.05
C CYS B 11 -19.77 -8.41 -1.16
N GLY B 12 -19.35 -7.16 -1.17
CA GLY B 12 -19.99 -6.12 -1.96
C GLY B 12 -20.67 -5.09 -1.05
N CYS B 13 -21.86 -4.66 -1.42
CA CYS B 13 -22.69 -3.72 -0.66
C CYS B 13 -21.98 -2.34 -0.57
N CYS B 14 -21.36 -2.03 0.56
CA CYS B 14 -20.74 -0.71 0.77
C CYS B 14 -19.34 -0.65 0.12
N HIS B 15 -18.83 -1.81 -0.33
CA HIS B 15 -17.55 -1.87 -0.96
C HIS B 15 -17.41 -2.99 -1.97
N ARG B 16 -17.34 -2.57 -3.21
CA ARG B 16 -17.20 -3.46 -4.28
C ARG B 16 -15.95 -4.31 -4.12
N SER B 17 -16.15 -5.61 -4.28
CA SER B 17 -15.04 -6.56 -4.31
C SER B 17 -14.34 -6.72 -2.96
N LYS B 18 -14.95 -6.23 -1.88
CA LYS B 18 -14.42 -6.47 -0.56
C LYS B 18 -15.51 -7.07 0.25
N CYS B 19 -15.10 -7.83 1.26
CA CYS B 19 -15.99 -8.47 2.21
C CYS B 19 -15.73 -7.85 3.56
N GLY B 20 -16.79 -7.47 4.22
CA GLY B 20 -16.69 -6.90 5.58
C GLY B 20 -18.02 -6.35 6.05
N MET B 21 -17.97 -5.58 7.12
CA MET B 21 -19.17 -5.06 7.74
C MET B 21 -19.63 -3.81 7.01
N CYS B 22 -20.89 -3.80 6.59
CA CYS B 22 -21.55 -2.62 6.03
C CYS B 22 -22.72 -2.20 6.91
N CYS B 23 -22.80 -0.90 7.21
CA CYS B 23 -23.81 -0.39 8.13
C CYS B 23 -24.69 0.58 7.36
N LYS B 24 -25.99 0.49 7.59
CA LYS B 24 -26.98 1.22 6.79
C LYS B 24 -26.81 2.71 7.02
N THR B 25 -26.58 3.43 5.92
CA THR B 25 -26.41 4.87 5.86
C THR B 25 -27.76 5.42 5.48
N THR C 2 -11.11 -1.03 36.39
CA THR C 2 -11.80 -1.03 35.05
C THR C 2 -11.39 0.17 34.21
N HIS C 3 -11.01 -0.11 32.96
CA HIS C 3 -10.53 0.93 32.08
C HIS C 3 -11.65 1.61 31.30
N PHE C 4 -11.74 2.94 31.42
CA PHE C 4 -12.55 3.75 30.52
C PHE C 4 -11.59 4.65 29.71
N PRO C 5 -11.32 4.27 28.46
CA PRO C 5 -10.50 5.16 27.64
C PRO C 5 -11.33 6.37 27.22
N ILE C 6 -10.73 7.55 27.24
CA ILE C 6 -11.43 8.73 26.76
C ILE C 6 -10.99 9.05 25.32
N CYS C 7 -11.90 8.86 24.39
CA CYS C 7 -11.61 9.02 22.97
C CYS C 7 -12.54 9.99 22.29
N ILE C 8 -12.02 10.69 21.29
CA ILE C 8 -12.79 11.62 20.48
C ILE C 8 -12.49 11.52 18.98
N PHE C 9 -13.44 11.93 18.16
CA PHE C 9 -13.21 12.03 16.74
C PHE C 9 -12.48 13.34 16.42
N CYS C 10 -11.38 13.26 15.69
CA CYS C 10 -10.60 14.43 15.42
C CYS C 10 -10.01 14.32 14.03
N CYS C 11 -9.95 15.45 13.34
CA CYS C 11 -9.14 15.59 12.12
C CYS C 11 -7.87 16.26 12.56
N GLY C 12 -6.82 15.46 12.73
CA GLY C 12 -5.57 15.88 13.36
C GLY C 12 -5.42 15.18 14.70
N CYS C 13 -5.00 15.92 15.72
CA CYS C 13 -4.80 15.35 17.05
C CYS C 13 -3.73 14.25 17.05
N CYS C 14 -4.14 12.96 17.15
CA CYS C 14 -3.20 11.82 17.17
C CYS C 14 -2.55 11.51 15.81
N HIS C 15 -3.16 12.01 14.76
CA HIS C 15 -2.64 11.77 13.42
C HIS C 15 -2.88 12.98 12.53
N ARG C 16 -1.79 13.67 12.25
CA ARG C 16 -1.83 14.77 11.32
C ARG C 16 -2.42 14.40 9.94
N SER C 17 -3.39 15.21 9.47
CA SER C 17 -4.01 15.02 8.14
C SER C 17 -4.91 13.80 8.02
N LYS C 18 -5.26 13.16 9.13
CA LYS C 18 -6.23 12.10 9.09
C LYS C 18 -7.32 12.37 10.06
N CYS C 19 -8.49 11.80 9.80
CA CYS C 19 -9.65 11.93 10.66
C CYS C 19 -9.97 10.54 11.19
N GLY C 20 -10.09 10.46 12.51
CA GLY C 20 -10.45 9.23 13.15
C GLY C 20 -10.53 9.40 14.65
N MET C 21 -10.61 8.25 15.35
CA MET C 21 -10.62 8.22 16.80
C MET C 21 -9.23 8.39 17.35
N CYS C 22 -9.12 9.37 18.26
CA CYS C 22 -7.93 9.57 19.11
C CYS C 22 -8.27 9.39 20.57
N CYS C 23 -7.46 8.61 21.29
CA CYS C 23 -7.73 8.29 22.69
C CYS C 23 -6.61 8.87 23.53
N LYS C 24 -7.00 9.53 24.64
CA LYS C 24 -6.03 10.22 25.51
C LYS C 24 -5.20 9.16 26.18
N THR C 25 -3.87 9.30 26.15
CA THR C 25 -3.00 8.28 26.71
C THR C 25 -2.03 8.77 27.80
N THR D 2 16.46 14.02 -31.17
CA THR D 2 16.08 15.46 -31.07
C THR D 2 15.74 15.89 -29.62
N HIS D 3 14.99 15.08 -28.87
CA HIS D 3 14.71 15.42 -27.47
C HIS D 3 15.85 15.00 -26.54
N PHE D 4 16.42 15.96 -25.80
CA PHE D 4 17.35 15.66 -24.71
C PHE D 4 16.79 16.28 -23.42
N PRO D 5 16.18 15.45 -22.54
CA PRO D 5 15.63 16.04 -21.29
C PRO D 5 16.75 16.34 -20.29
N ILE D 6 16.61 17.39 -19.52
CA ILE D 6 17.61 17.72 -18.55
C ILE D 6 17.24 17.17 -17.14
N CYS D 7 17.90 16.08 -16.77
CA CYS D 7 17.60 15.37 -15.50
C CYS D 7 18.79 15.36 -14.54
N ILE D 8 18.48 15.40 -13.25
CA ILE D 8 19.46 15.30 -12.18
C ILE D 8 18.91 14.53 -10.98
N PHE D 9 19.83 14.01 -10.18
CA PHE D 9 19.46 13.30 -8.95
C PHE D 9 19.28 14.35 -7.86
N CYS D 10 18.15 14.30 -7.17
CA CYS D 10 17.84 15.28 -6.15
C CYS D 10 17.08 14.61 -5.01
N CYS D 11 17.32 15.07 -3.78
CA CYS D 11 16.47 14.76 -2.64
C CYS D 11 15.63 15.99 -2.44
N GLY D 12 14.39 15.90 -2.90
CA GLY D 12 13.51 17.05 -2.98
C GLY D 12 13.20 17.39 -4.44
N CYS D 13 13.23 18.67 -4.77
CA CYS D 13 13.02 19.15 -6.16
C CYS D 13 11.64 18.81 -6.67
N CYS D 14 11.54 17.81 -7.55
CA CYS D 14 10.25 17.35 -8.13
C CYS D 14 9.38 16.53 -7.18
N HIS D 15 9.95 16.06 -6.06
CA HIS D 15 9.18 15.27 -5.07
C HIS D 15 9.70 15.48 -3.67
N ARG D 16 8.94 16.19 -2.87
CA ARG D 16 9.33 16.45 -1.48
C ARG D 16 9.58 15.13 -0.71
N SER D 17 10.70 15.08 0.02
CA SER D 17 11.02 13.91 0.88
C SER D 17 11.35 12.64 0.09
N LYS D 18 11.54 12.73 -1.22
CA LYS D 18 11.99 11.60 -1.99
C LYS D 18 13.25 11.98 -2.71
N CYS D 19 14.08 10.98 -2.94
CA CYS D 19 15.34 11.13 -3.64
C CYS D 19 15.17 10.32 -4.93
N GLY D 20 15.49 10.95 -6.07
CA GLY D 20 15.36 10.33 -7.36
C GLY D 20 15.73 11.28 -8.50
N MET D 21 15.45 10.85 -9.72
CA MET D 21 15.66 11.66 -10.92
C MET D 21 14.51 12.64 -11.12
N CYS D 22 14.88 13.91 -11.21
CA CYS D 22 13.95 14.97 -11.57
C CYS D 22 14.36 15.56 -12.90
N CYS D 23 13.40 15.67 -13.83
CA CYS D 23 13.69 16.13 -15.17
C CYS D 23 13.00 17.44 -15.38
N LYS D 24 13.77 18.41 -15.89
CA LYS D 24 13.27 19.76 -15.98
C LYS D 24 12.15 19.81 -17.01
N THR D 25 11.05 20.44 -16.59
CA THR D 25 9.81 20.61 -17.34
C THR D 25 9.80 22.00 -17.95
N HIS E 3 31.52 3.59 -18.23
CA HIS E 3 30.76 3.09 -17.07
C HIS E 3 29.79 1.95 -17.45
N PHE E 4 30.21 0.70 -17.24
CA PHE E 4 29.37 -0.47 -17.49
C PHE E 4 28.79 -0.95 -16.17
N PRO E 5 27.59 -0.51 -15.78
CA PRO E 5 27.00 -1.24 -14.62
C PRO E 5 26.76 -2.73 -14.97
N ILE E 6 27.21 -3.65 -14.13
CA ILE E 6 26.96 -5.05 -14.42
C ILE E 6 25.61 -5.52 -13.83
N CYS E 7 24.59 -5.73 -14.67
CA CYS E 7 23.24 -6.10 -14.19
C CYS E 7 22.68 -7.39 -14.77
N ILE E 8 21.99 -8.16 -13.94
CA ILE E 8 21.27 -9.37 -14.36
C ILE E 8 19.82 -9.43 -13.82
N PHE E 9 18.99 -10.21 -14.52
CA PHE E 9 17.71 -10.56 -14.02
C PHE E 9 17.84 -11.69 -13.00
N CYS E 10 17.24 -11.50 -11.82
CA CYS E 10 17.32 -12.50 -10.80
C CYS E 10 16.01 -12.56 -10.00
N CYS E 11 15.61 -13.78 -9.64
CA CYS E 11 14.64 -14.01 -8.61
C CYS E 11 15.38 -14.23 -7.30
N GLY E 12 15.46 -13.15 -6.51
CA GLY E 12 16.30 -13.09 -5.32
C GLY E 12 17.46 -12.10 -5.55
N CYS E 13 18.67 -12.51 -5.20
CA CYS E 13 19.88 -11.72 -5.36
C CYS E 13 19.79 -10.45 -4.51
N CYS E 14 19.49 -9.34 -5.15
CA CYS E 14 19.46 -8.01 -4.51
C CYS E 14 18.14 -7.83 -3.73
N HIS E 15 17.15 -8.66 -4.00
CA HIS E 15 15.89 -8.56 -3.31
C HIS E 15 15.24 -9.90 -3.14
N ARG E 16 15.20 -10.33 -1.90
CA ARG E 16 14.53 -11.53 -1.53
C ARG E 16 13.09 -11.61 -1.98
N SER E 17 12.78 -12.70 -2.67
CA SER E 17 11.40 -12.96 -3.03
C SER E 17 10.87 -12.04 -4.11
N LYS E 18 11.70 -11.27 -4.78
CA LYS E 18 11.22 -10.51 -5.90
C LYS E 18 12.06 -10.87 -7.09
N CYS E 19 11.53 -10.65 -8.27
CA CYS E 19 12.26 -10.89 -9.50
C CYS E 19 12.44 -9.56 -10.22
N GLY E 20 13.65 -9.30 -10.67
CA GLY E 20 13.94 -8.12 -11.47
C GLY E 20 15.43 -7.91 -11.65
N MET E 21 15.80 -6.70 -12.06
CA MET E 21 17.20 -6.43 -12.37
C MET E 21 18.01 -6.15 -11.12
N CYS E 22 19.11 -6.85 -10.95
CA CYS E 22 20.07 -6.59 -9.90
C CYS E 22 21.43 -6.19 -10.51
N CYS E 23 22.04 -5.14 -9.98
CA CYS E 23 23.28 -4.60 -10.53
C CYS E 23 24.36 -4.72 -9.49
N LYS E 24 25.49 -5.26 -9.95
CA LYS E 24 26.66 -5.58 -9.14
C LYS E 24 27.15 -4.45 -8.21
N THR E 25 27.40 -4.83 -6.95
CA THR E 25 27.86 -4.00 -5.83
C THR E 25 26.84 -2.95 -5.45
N ASP F 1 20.19 -11.30 -33.07
CA ASP F 1 20.06 -9.85 -33.42
C ASP F 1 19.50 -9.07 -32.22
N THR F 2 19.55 -7.74 -32.28
CA THR F 2 19.00 -6.91 -31.21
C THR F 2 17.47 -6.97 -31.21
N HIS F 3 16.91 -7.23 -30.03
CA HIS F 3 15.49 -7.04 -29.82
C HIS F 3 15.26 -5.53 -29.87
N PHE F 4 14.31 -5.13 -30.69
CA PHE F 4 13.79 -3.76 -30.68
C PHE F 4 12.33 -3.90 -30.21
N PRO F 5 12.10 -3.71 -28.90
CA PRO F 5 10.71 -3.85 -28.44
C PRO F 5 9.83 -2.73 -29.01
N ILE F 6 8.62 -3.11 -29.40
CA ILE F 6 7.65 -2.15 -29.90
C ILE F 6 6.76 -1.71 -28.73
N CYS F 7 6.91 -0.45 -28.32
CA CYS F 7 6.18 0.10 -27.16
C CYS F 7 5.46 1.39 -27.53
N ILE F 8 4.35 1.69 -26.86
CA ILE F 8 3.56 2.89 -27.01
C ILE F 8 3.06 3.37 -25.66
N PHE F 9 2.81 4.68 -25.55
CA PHE F 9 2.14 5.21 -24.38
C PHE F 9 0.64 5.00 -24.58
N CYS F 10 -0.02 4.47 -23.56
CA CYS F 10 -1.44 4.19 -23.64
C CYS F 10 -2.08 4.42 -22.25
N CYS F 11 -3.30 4.94 -22.25
CA CYS F 11 -4.17 4.88 -21.08
C CYS F 11 -5.09 3.68 -21.31
N GLY F 12 -4.87 2.59 -20.59
CA GLY F 12 -5.46 1.31 -20.92
C GLY F 12 -4.42 0.36 -21.52
N CYS F 13 -4.83 -0.40 -22.54
CA CYS F 13 -3.96 -1.36 -23.22
C CYS F 13 -3.46 -2.46 -22.25
N CYS F 14 -2.21 -2.41 -21.81
CA CYS F 14 -1.62 -3.46 -20.97
C CYS F 14 -2.13 -3.35 -19.51
N HIS F 15 -2.76 -2.23 -19.18
CA HIS F 15 -3.19 -1.94 -17.82
C HIS F 15 -4.37 -1.00 -17.78
N ARG F 16 -5.51 -1.60 -17.44
CA ARG F 16 -6.75 -0.89 -17.34
C ARG F 16 -6.63 0.21 -16.30
N SER F 17 -7.06 1.40 -16.66
CA SER F 17 -7.13 2.54 -15.76
C SER F 17 -5.77 3.09 -15.36
N LYS F 18 -4.72 2.67 -16.05
CA LYS F 18 -3.43 3.23 -15.82
C LYS F 18 -2.93 3.75 -17.16
N CYS F 19 -2.11 4.78 -17.09
CA CYS F 19 -1.44 5.31 -18.23
C CYS F 19 0.07 5.08 -18.05
N GLY F 20 0.70 4.55 -19.10
CA GLY F 20 2.14 4.33 -19.13
C GLY F 20 2.53 3.62 -20.42
N MET F 21 3.77 3.13 -20.47
CA MET F 21 4.30 2.41 -21.61
C MET F 21 3.78 0.98 -21.65
N CYS F 22 3.24 0.55 -22.80
CA CYS F 22 2.90 -0.83 -23.08
C CYS F 22 3.71 -1.35 -24.26
N CYS F 23 4.28 -2.55 -24.14
CA CYS F 23 5.14 -3.11 -25.17
C CYS F 23 4.48 -4.36 -25.72
N LYS F 24 4.53 -4.47 -27.04
CA LYS F 24 3.90 -5.54 -27.73
C LYS F 24 4.52 -6.85 -27.31
N THR F 25 3.69 -7.76 -26.81
CA THR F 25 4.06 -9.15 -26.83
C THR F 25 2.90 -10.09 -26.52
N ASP G 6 11.36 -21.78 11.32
CA ASP G 6 11.36 -22.93 12.28
C ASP G 6 11.29 -22.54 13.76
N LEU G 7 10.69 -23.44 14.52
CA LEU G 7 10.11 -23.12 15.79
C LEU G 7 11.22 -22.87 16.79
N ILE G 8 11.12 -21.80 17.55
CA ILE G 8 12.05 -21.53 18.62
C ILE G 8 11.20 -21.66 19.89
N PRO G 9 11.53 -22.62 20.74
CA PRO G 9 10.75 -22.85 21.94
C PRO G 9 10.90 -21.69 22.91
N ALA G 10 9.89 -21.47 23.71
CA ALA G 10 10.00 -20.51 24.81
C ALA G 10 11.12 -20.96 25.78
N PRO G 11 11.90 -20.03 26.31
CA PRO G 11 12.98 -20.38 27.19
C PRO G 11 12.47 -20.80 28.55
N PRO G 12 13.28 -21.53 29.33
CA PRO G 12 12.80 -21.80 30.68
C PRO G 12 12.65 -20.51 31.49
N LEU G 13 11.64 -20.46 32.34
CA LEU G 13 11.44 -19.28 33.18
C LEU G 13 12.70 -18.91 34.02
N SER G 14 13.56 -19.87 34.33
CA SER G 14 14.84 -19.60 35.07
C SER G 14 15.72 -18.63 34.33
N LYS G 15 15.59 -18.59 33.00
CA LYS G 15 16.35 -17.65 32.17
C LYS G 15 15.72 -16.28 32.01
N VAL G 16 14.55 -16.08 32.59
CA VAL G 16 13.85 -14.80 32.54
C VAL G 16 13.72 -14.26 33.97
N PRO G 17 14.72 -13.48 34.38
CA PRO G 17 14.77 -12.93 35.71
C PRO G 17 13.65 -11.94 35.93
N LEU G 18 13.35 -11.69 37.19
CA LEU G 18 12.52 -10.57 37.57
C LEU G 18 13.39 -9.50 38.16
N GLN G 19 13.10 -8.25 37.81
CA GLN G 19 13.72 -7.11 38.49
C GLN G 19 13.57 -7.20 40.04
N GLN G 20 14.69 -7.14 40.75
CA GLN G 20 14.65 -7.13 42.21
C GLN G 20 14.08 -5.83 42.76
N ASN G 21 13.37 -5.95 43.88
CA ASN G 21 12.74 -4.81 44.53
C ASN G 21 11.85 -4.04 43.57
N PHE G 22 11.13 -4.78 42.75
CA PHE G 22 10.28 -4.17 41.74
C PHE G 22 9.28 -3.19 42.38
N GLN G 23 9.28 -1.97 41.85
CA GLN G 23 8.40 -0.90 42.32
C GLN G 23 7.29 -0.63 41.32
N ASP G 24 6.13 -1.25 41.56
CA ASP G 24 5.01 -1.15 40.60
C ASP G 24 4.52 0.26 40.41
N ASN G 25 4.57 1.06 41.47
CA ASN G 25 4.20 2.46 41.36
C ASN G 25 5.27 3.34 40.71
N GLN G 26 6.44 2.83 40.39
CA GLN G 26 7.39 3.60 39.57
C GLN G 26 7.44 3.14 38.12
N PHE G 27 6.83 2.00 37.85
CA PHE G 27 6.86 1.42 36.52
C PHE G 27 5.69 1.91 35.70
N HIS G 28 4.70 2.51 36.36
CA HIS G 28 3.53 3.02 35.67
C HIS G 28 3.86 4.11 34.65
N GLY G 29 2.91 4.41 33.79
CA GLY G 29 3.06 5.47 32.78
C GLY G 29 3.39 4.93 31.42
N LYS G 30 3.89 5.81 30.57
CA LYS G 30 4.08 5.51 29.18
C LYS G 30 5.47 5.04 28.91
N TRP G 31 5.55 3.98 28.14
CA TRP G 31 6.79 3.46 27.64
C TRP G 31 6.69 3.32 26.13
N TYR G 32 7.76 3.71 25.45
CA TYR G 32 7.96 3.48 24.01
C TYR G 32 8.68 2.17 23.75
N VAL G 33 8.24 1.45 22.73
CA VAL G 33 8.89 0.21 22.30
C VAL G 33 10.05 0.56 21.35
N VAL G 34 11.22 0.65 21.98
CA VAL G 34 12.48 0.98 21.34
C VAL G 34 13.12 -0.23 20.67
N GLY G 35 12.82 -1.40 21.21
CA GLY G 35 13.26 -2.63 20.65
C GLY G 35 12.25 -3.71 20.87
N LEU G 36 12.17 -4.64 19.93
CA LEU G 36 11.27 -5.78 20.04
C LEU G 36 11.95 -7.01 19.48
N ALA G 37 11.92 -8.09 20.25
CA ALA G 37 12.46 -9.38 19.78
C ALA G 37 11.50 -10.52 20.10
N GLY G 38 11.34 -11.49 19.21
CA GLY G 38 10.42 -12.54 19.49
C GLY G 38 10.61 -13.78 18.66
N ASN G 39 10.06 -14.88 19.12
CA ASN G 39 10.19 -16.10 18.33
C ASN G 39 9.33 -16.05 17.06
N GLU G 40 8.35 -15.13 17.00
CA GLU G 40 7.56 -14.98 15.79
C GLU G 40 7.54 -13.56 15.26
N VAL G 41 8.64 -12.88 15.48
CA VAL G 41 8.82 -11.55 14.96
C VAL G 41 10.12 -11.58 14.20
N LEU G 42 10.07 -11.16 12.94
CA LEU G 42 11.21 -10.98 12.09
C LEU G 42 11.34 -9.52 11.68
N ARG G 43 12.56 -9.14 11.37
CA ARG G 43 12.75 -7.85 10.76
C ARG G 43 12.14 -7.89 9.37
N GLU G 44 11.33 -6.90 9.02
CA GLU G 44 10.63 -6.91 7.76
C GLU G 44 11.02 -5.70 6.94
N ASP G 45 12.01 -5.84 6.08
CA ASP G 45 12.52 -4.68 5.32
C ASP G 45 11.49 -4.05 4.36
N LYS G 46 10.52 -4.84 3.91
CA LYS G 46 9.47 -4.33 3.00
C LYS G 46 8.47 -3.49 3.76
N ASP G 47 8.41 -3.61 5.09
CA ASP G 47 7.43 -2.90 5.90
C ASP G 47 7.99 -2.77 7.35
N PRO G 48 9.01 -1.94 7.55
CA PRO G 48 9.74 -1.95 8.79
C PRO G 48 8.85 -1.53 9.95
N MET G 49 8.89 -2.26 11.05
CA MET G 49 8.03 -1.94 12.14
C MET G 49 8.22 -0.49 12.59
N LYS G 50 7.09 0.16 12.79
CA LYS G 50 7.06 1.50 13.37
C LYS G 50 6.94 1.46 14.89
N MET G 51 7.56 2.43 15.54
CA MET G 51 7.47 2.51 16.99
C MET G 51 6.01 2.56 17.46
N TRP G 52 5.75 1.81 18.54
CA TRP G 52 4.49 1.81 19.22
C TRP G 52 4.73 2.05 20.73
N ALA G 53 3.66 2.26 21.50
CA ALA G 53 3.75 2.63 22.91
C ALA G 53 2.81 1.77 23.76
N THR G 54 3.21 1.52 25.01
CA THR G 54 2.41 0.79 26.04
C THR G 54 2.35 1.67 27.29
N ILE G 55 1.12 1.93 27.76
CA ILE G 55 0.83 2.79 28.90
C ILE G 55 0.27 1.90 30.01
N TYR G 56 0.94 1.95 31.15
CA TYR G 56 0.62 1.14 32.34
C TYR G 56 -0.09 2.05 33.37
N GLU G 57 -1.36 1.77 33.65
CA GLU G 57 -2.02 2.50 34.73
C GLU G 57 -2.16 1.58 35.95
N LEU G 58 -1.56 1.94 37.08
CA LEU G 58 -1.57 1.07 38.27
C LEU G 58 -2.90 1.24 39.00
N GLU G 59 -3.60 0.14 39.26
CA GLU G 59 -4.89 0.16 39.94
C GLU G 59 -4.74 -0.14 41.43
N GLU G 60 -5.76 0.22 42.21
CA GLU G 60 -5.74 0.01 43.64
C GLU G 60 -5.44 -1.44 44.00
N ASP G 61 -5.95 -2.40 43.23
CA ASP G 61 -5.65 -3.82 43.51
C ASP G 61 -4.30 -4.30 42.93
N LYS G 62 -3.47 -3.39 42.47
CA LYS G 62 -2.13 -3.70 41.96
C LYS G 62 -2.09 -4.38 40.60
N SER G 63 -3.23 -4.51 39.94
CA SER G 63 -3.27 -4.81 38.52
C SER G 63 -2.83 -3.57 37.74
N TYR G 64 -2.39 -3.77 36.50
CA TYR G 64 -2.28 -2.65 35.57
C TYR G 64 -3.39 -2.72 34.53
N ASN G 65 -4.04 -1.57 34.27
CA ASN G 65 -4.82 -1.40 33.06
C ASN G 65 -3.84 -0.90 32.00
N VAL G 66 -3.71 -1.65 30.93
CA VAL G 66 -2.71 -1.40 29.95
C VAL G 66 -3.34 -0.92 28.63
N THR G 67 -2.83 0.19 28.07
CA THR G 67 -3.22 0.68 26.74
C THR G 67 -2.06 0.54 25.78
N ILE G 68 -2.31 -0.14 24.68
CA ILE G 68 -1.34 -0.25 23.60
C ILE G 68 -1.74 0.64 22.43
N VAL G 69 -0.84 1.54 22.06
CA VAL G 69 -1.03 2.47 21.00
C VAL G 69 -0.17 2.11 19.78
N MET G 70 -0.81 1.75 18.69
CA MET G 70 -0.08 1.42 17.48
C MET G 70 -0.46 2.29 16.28
N PRO G 71 0.52 2.67 15.51
CA PRO G 71 0.30 3.47 14.32
C PRO G 71 0.01 2.59 13.16
N LEU G 72 -1.19 2.74 12.58
CA LEU G 72 -1.57 2.04 11.36
C LEU G 72 -1.56 3.02 10.23
N ALA G 73 -1.66 2.56 9.00
CA ALA G 73 -1.59 3.47 7.83
C ALA G 73 -2.69 4.56 7.83
N GLU G 74 -3.86 4.23 8.36
CA GLU G 74 -5.02 5.09 8.18
C GLU G 74 -5.63 5.56 9.54
N LYS G 75 -5.05 5.14 10.66
CA LYS G 75 -5.61 5.43 11.95
C LYS G 75 -4.63 5.13 13.03
N CYS G 76 -5.00 5.53 14.23
CA CYS G 76 -4.28 5.09 15.44
C CYS G 76 -5.09 3.96 16.05
N GLU G 77 -4.45 2.83 16.35
CA GLU G 77 -5.11 1.73 16.98
C GLU G 77 -4.81 1.76 18.48
N TYR G 78 -5.82 1.50 19.30
CA TYR G 78 -5.69 1.45 20.77
C TYR G 78 -6.23 0.10 21.21
N LEU G 79 -5.37 -0.71 21.80
CA LEU G 79 -5.79 -2.00 22.31
C LEU G 79 -5.58 -1.99 23.80
N PHE G 80 -6.34 -2.84 24.49
CA PHE G 80 -6.44 -2.82 25.96
C PHE G 80 -6.19 -4.19 26.54
N GLN G 81 -5.39 -4.24 27.60
CA GLN G 81 -5.18 -5.48 28.37
C GLN G 81 -5.22 -5.23 29.86
N THR G 82 -5.38 -6.29 30.61
CA THR G 82 -5.31 -6.20 32.09
C THR G 82 -4.19 -7.11 32.54
N PHE G 83 -3.17 -6.55 33.19
CA PHE G 83 -2.09 -7.38 33.75
C PHE G 83 -2.38 -7.58 35.23
N VAL G 84 -2.76 -8.78 35.61
CA VAL G 84 -3.08 -9.05 37.00
C VAL G 84 -1.86 -9.66 37.75
N PRO G 85 -1.61 -9.25 39.02
CA PRO G 85 -0.42 -9.71 39.74
C PRO G 85 -0.27 -11.25 39.66
N GLY G 86 0.93 -11.69 39.30
CA GLY G 86 1.25 -13.08 39.06
C GLY G 86 1.91 -13.71 40.29
N SER G 87 2.93 -14.55 40.09
CA SER G 87 3.45 -15.37 41.16
C SER G 87 4.62 -14.75 41.92
N GLN G 88 5.08 -13.59 41.50
CA GLN G 88 6.29 -12.94 42.04
C GLN G 88 6.13 -11.42 41.82
N PRO G 89 6.85 -10.58 42.57
CA PRO G 89 6.78 -9.15 42.23
C PRO G 89 7.33 -8.89 40.85
N GLY G 90 6.61 -8.11 40.05
CA GLY G 90 7.00 -7.83 38.68
C GLY G 90 6.58 -8.83 37.63
N GLU G 91 5.89 -9.88 38.05
CA GLU G 91 5.27 -10.82 37.14
C GLU G 91 3.75 -10.63 37.15
N PHE G 92 3.16 -10.72 35.96
CA PHE G 92 1.72 -10.60 35.80
C PHE G 92 1.17 -11.67 34.85
N THR G 93 -0.13 -11.92 34.95
CA THR G 93 -0.83 -12.72 33.98
C THR G 93 -1.86 -11.85 33.29
N LEU G 94 -2.33 -12.31 32.15
CA LEU G 94 -3.32 -11.58 31.38
C LEU G 94 -4.71 -11.91 31.88
N GLY G 95 -5.46 -10.87 32.27
CA GLY G 95 -6.87 -10.99 32.59
C GLY G 95 -7.10 -11.97 33.72
N GLY G 96 -6.02 -12.29 34.44
CA GLY G 96 -6.04 -13.25 35.55
C GLY G 96 -6.16 -14.70 35.16
N ILE G 97 -5.91 -15.01 33.88
CA ILE G 97 -6.14 -16.35 33.35
C ILE G 97 -4.85 -17.17 33.55
N LYS G 98 -5.02 -18.33 34.16
CA LYS G 98 -3.91 -19.16 34.58
C LYS G 98 -3.56 -20.17 33.48
N SER G 99 -2.29 -20.58 33.44
CA SER G 99 -1.83 -21.71 32.62
C SER G 99 -2.78 -22.91 32.70
N GLY G 100 -3.20 -23.43 31.55
CA GLY G 100 -4.08 -24.63 31.51
C GLY G 100 -4.10 -25.35 30.16
N PRO G 101 -4.22 -26.70 30.17
CA PRO G 101 -3.82 -27.55 29.04
C PRO G 101 -4.60 -27.47 27.72
N GLY G 102 -5.60 -26.61 27.60
CA GLY G 102 -6.23 -26.34 26.29
C GLY G 102 -6.46 -24.85 26.09
N ARG G 103 -5.77 -24.05 26.87
CA ARG G 103 -6.25 -22.72 27.13
C ARG G 103 -5.27 -21.59 26.81
N THR G 104 -5.87 -20.53 26.30
CA THR G 104 -5.22 -19.31 25.87
C THR G 104 -4.90 -18.52 27.14
N SER G 105 -3.64 -18.10 27.29
CA SER G 105 -3.22 -17.43 28.51
C SER G 105 -1.95 -16.66 28.21
N GLY G 106 -1.54 -15.83 29.16
CA GLY G 106 -0.31 -15.07 29.03
C GLY G 106 0.42 -14.78 30.31
N LEU G 107 1.70 -14.45 30.16
CA LEU G 107 2.58 -14.11 31.22
C LEU G 107 3.38 -12.85 30.84
N VAL G 108 3.68 -12.04 31.87
CA VAL G 108 4.47 -10.85 31.75
C VAL G 108 5.51 -10.87 32.89
N ARG G 109 6.77 -10.52 32.57
CA ARG G 109 7.85 -10.44 33.54
C ARG G 109 8.72 -9.23 33.27
N VAL G 110 8.78 -8.31 34.25
CA VAL G 110 9.63 -7.14 34.11
C VAL G 110 11.02 -7.62 34.50
N VAL G 111 11.87 -7.76 33.50
CA VAL G 111 13.13 -8.36 33.66
C VAL G 111 14.17 -7.43 34.29
N SER G 112 14.17 -6.19 33.84
CA SER G 112 15.14 -5.19 34.30
C SER G 112 14.52 -3.82 34.07
N THR G 113 14.70 -2.87 35.00
CA THR G 113 14.31 -1.49 34.72
C THR G 113 14.95 -0.57 35.73
N ASN G 114 15.23 0.68 35.34
CA ASN G 114 15.54 1.74 36.30
C ASN G 114 14.42 2.76 36.40
N TYR G 115 13.22 2.43 35.86
CA TYR G 115 11.99 3.26 36.00
C TYR G 115 11.93 4.60 35.29
N ASN G 116 13.02 5.35 35.28
CA ASN G 116 12.96 6.66 34.64
C ASN G 116 13.59 6.73 33.26
N GLN G 117 14.06 5.61 32.73
CA GLN G 117 14.69 5.60 31.41
C GLN G 117 14.40 4.35 30.61
N HIS G 118 14.65 3.16 31.16
CA HIS G 118 14.53 1.97 30.38
C HIS G 118 13.91 0.83 31.14
N ALA G 119 13.43 -0.10 30.35
CA ALA G 119 13.03 -1.43 30.86
C ALA G 119 13.20 -2.51 29.80
N MET G 120 13.29 -3.74 30.27
CA MET G 120 13.12 -4.90 29.42
C MET G 120 12.04 -5.78 30.06
N VAL G 121 11.08 -6.14 29.24
CA VAL G 121 9.93 -6.90 29.67
C VAL G 121 9.72 -8.08 28.75
N PHE G 122 9.52 -9.24 29.38
CA PHE G 122 9.27 -10.49 28.71
C PHE G 122 7.79 -10.82 28.71
N PHE G 123 7.29 -11.24 27.54
CA PHE G 123 5.92 -11.60 27.34
C PHE G 123 5.82 -12.99 26.74
N LYS G 124 4.88 -13.79 27.22
CA LYS G 124 4.67 -15.08 26.61
C LYS G 124 3.18 -15.36 26.54
N VAL G 125 2.72 -15.99 25.46
CA VAL G 125 1.37 -16.46 25.38
C VAL G 125 1.31 -17.91 24.86
N VAL G 126 0.25 -18.61 25.28
CA VAL G 126 -0.07 -19.93 24.84
C VAL G 126 -1.12 -19.70 23.79
N TRP G 127 -0.71 -19.94 22.55
CA TRP G 127 -1.51 -19.66 21.34
C TRP G 127 -1.56 -20.92 20.49
N GLN G 128 -2.75 -21.50 20.30
CA GLN G 128 -2.96 -22.67 19.47
C GLN G 128 -1.96 -23.79 19.80
N ASN G 129 -1.82 -24.06 21.08
CA ASN G 129 -0.99 -25.14 21.57
C ASN G 129 0.53 -24.97 21.36
N ARG G 130 0.99 -23.74 21.31
CA ARG G 130 2.41 -23.45 21.23
C ARG G 130 2.65 -22.18 22.02
N GLU G 131 3.91 -21.94 22.35
CA GLU G 131 4.26 -20.75 23.11
C GLU G 131 4.93 -19.70 22.23
N VAL G 132 4.37 -18.50 22.29
CA VAL G 132 4.85 -17.40 21.53
C VAL G 132 5.36 -16.43 22.57
N PHE G 133 6.57 -15.92 22.35
CA PHE G 133 7.16 -14.95 23.28
C PHE G 133 7.90 -13.82 22.58
N TRP G 134 8.00 -12.70 23.29
CA TRP G 134 8.74 -11.56 22.81
C TRP G 134 9.23 -10.76 24.03
N VAL G 135 10.26 -9.98 23.78
CA VAL G 135 10.85 -9.10 24.76
C VAL G 135 10.77 -7.70 24.21
N THR G 136 10.26 -6.76 25.01
CA THR G 136 10.33 -5.34 24.61
C THR G 136 11.47 -4.67 25.34
N LEU G 137 12.21 -3.85 24.61
CA LEU G 137 13.06 -2.83 25.21
C LEU G 137 12.24 -1.56 25.21
N TYR G 138 11.85 -1.16 26.40
CA TYR G 138 11.11 0.05 26.63
C TYR G 138 12.02 1.28 26.95
N GLY G 139 11.65 2.43 26.41
CA GLY G 139 12.26 3.73 26.78
C GLY G 139 11.21 4.73 27.21
N ARG G 140 11.60 5.62 28.11
CA ARG G 140 10.69 6.68 28.53
C ARG G 140 10.65 7.73 27.42
N THR G 141 11.71 7.74 26.61
CA THR G 141 11.80 8.49 25.35
C THR G 141 11.99 7.47 24.23
N LYS G 142 12.00 7.97 23.00
CA LYS G 142 12.01 7.15 21.81
C LYS G 142 13.39 6.64 21.42
N GLU G 143 14.41 7.16 22.10
CA GLU G 143 15.80 6.84 21.88
C GLU G 143 16.43 6.30 23.15
N LEU G 144 17.29 5.30 23.02
CA LEU G 144 18.11 4.84 24.14
C LEU G 144 19.54 4.71 23.66
N THR G 145 20.46 4.56 24.59
CA THR G 145 21.88 4.44 24.27
C THR G 145 22.20 3.11 23.53
N SER G 146 23.28 3.12 22.77
CA SER G 146 23.82 1.91 22.17
C SER G 146 24.05 0.85 23.20
N GLU G 147 24.54 1.25 24.36
CA GLU G 147 24.83 0.32 25.40
C GLU G 147 23.56 -0.45 25.80
N LEU G 148 22.43 0.25 25.99
CA LEU G 148 21.22 -0.42 26.38
C LEU G 148 20.67 -1.31 25.26
N LYS G 149 20.82 -0.88 24.03
CA LYS G 149 20.37 -1.70 22.91
C LYS G 149 21.19 -2.99 22.81
N GLU G 150 22.51 -2.88 22.96
CA GLU G 150 23.38 -4.04 22.93
C GLU G 150 23.06 -5.02 24.06
N ASN G 151 22.75 -4.50 25.24
CA ASN G 151 22.30 -5.36 26.32
C ASN G 151 20.99 -6.09 25.95
N PHE G 152 20.04 -5.38 25.34
CA PHE G 152 18.81 -6.01 24.84
C PHE G 152 19.13 -7.10 23.80
N ILE G 153 20.04 -6.82 22.87
CA ILE G 153 20.44 -7.83 21.90
C ILE G 153 20.98 -9.09 22.60
N ARG G 154 21.88 -8.90 23.60
CA ARG G 154 22.47 -10.05 24.29
C ARG G 154 21.42 -10.83 25.06
N PHE G 155 20.50 -10.12 25.72
CA PHE G 155 19.45 -10.81 26.45
C PHE G 155 18.56 -11.61 25.49
N SER G 156 18.20 -10.98 24.39
CA SER G 156 17.35 -11.64 23.37
C SER G 156 18.03 -12.90 22.85
N LYS G 157 19.30 -12.79 22.54
CA LYS G 157 20.07 -13.96 22.12
C LYS G 157 20.18 -15.04 23.20
N SER G 158 20.25 -14.66 24.47
CA SER G 158 20.35 -15.67 25.53
C SER G 158 19.04 -16.48 25.61
N LEU G 159 17.95 -15.94 25.07
CA LEU G 159 16.69 -16.67 25.01
C LEU G 159 16.53 -17.46 23.72
N GLY G 160 17.59 -17.54 22.91
CA GLY G 160 17.61 -18.36 21.70
C GLY G 160 17.14 -17.62 20.45
N LEU G 161 16.99 -16.30 20.52
CA LEU G 161 16.55 -15.52 19.35
C LEU G 161 17.69 -15.10 18.46
N PRO G 162 17.68 -15.53 17.19
CA PRO G 162 18.71 -15.02 16.30
C PRO G 162 18.53 -13.53 15.96
N GLU G 163 19.56 -13.00 15.32
CA GLU G 163 19.63 -11.56 15.07
C GLU G 163 18.48 -11.02 14.21
N ASN G 164 18.08 -11.78 13.22
CA ASN G 164 16.97 -11.32 12.38
C ASN G 164 15.59 -11.40 13.06
N HIS G 165 15.52 -11.88 14.31
CA HIS G 165 14.32 -11.80 15.13
C HIS G 165 14.38 -10.64 16.08
N ILE G 166 15.34 -9.74 15.88
CA ILE G 166 15.48 -8.58 16.78
C ILE G 166 15.28 -7.31 15.96
N VAL G 167 14.35 -6.47 16.40
CA VAL G 167 13.84 -5.35 15.63
C VAL G 167 13.97 -4.08 16.46
N PHE G 168 14.33 -2.98 15.81
CA PHE G 168 14.27 -1.65 16.43
C PHE G 168 13.24 -0.79 15.73
N PRO G 169 12.03 -0.71 16.30
CA PRO G 169 10.96 0.07 15.59
C PRO G 169 11.37 1.49 15.27
N VAL G 170 10.97 1.99 14.12
CA VAL G 170 11.31 3.31 13.68
C VAL G 170 10.62 4.35 14.51
N PRO G 171 11.38 5.29 15.11
CA PRO G 171 10.75 6.44 15.77
C PRO G 171 9.83 7.21 14.84
N ILE G 172 8.63 7.51 15.29
CA ILE G 172 7.68 8.36 14.57
C ILE G 172 7.02 9.23 15.63
N ASP G 173 6.25 10.18 15.17
CA ASP G 173 5.51 11.10 16.05
C ASP G 173 4.00 10.77 16.12
N GLN G 174 3.47 10.24 15.04
CA GLN G 174 2.04 10.06 14.95
C GLN G 174 1.61 8.97 15.90
N CYS G 175 0.43 9.18 16.48
CA CYS G 175 -0.22 8.25 17.42
C CYS G 175 0.42 8.14 18.79
N ILE G 176 1.74 7.94 18.83
CA ILE G 176 2.41 7.61 20.07
C ILE G 176 2.83 8.83 20.91
N ASP G 177 2.71 10.04 20.39
CA ASP G 177 2.84 11.23 21.25
C ASP G 177 1.51 11.66 21.85
N THR H 4 -20.17 -3.91 -18.71
CA THR H 4 -19.22 -4.61 -17.80
C THR H 4 -19.74 -4.72 -16.36
N SER H 5 -20.57 -3.75 -15.94
CA SER H 5 -20.99 -3.65 -14.52
C SER H 5 -22.37 -3.00 -14.27
N ASP H 6 -23.33 -3.25 -15.15
CA ASP H 6 -24.73 -2.92 -14.85
C ASP H 6 -25.20 -3.91 -13.75
N LEU H 7 -26.22 -3.53 -13.00
CA LEU H 7 -26.73 -4.35 -11.92
C LEU H 7 -27.03 -5.79 -12.41
N ILE H 8 -26.49 -6.80 -11.75
CA ILE H 8 -26.86 -8.18 -12.03
C ILE H 8 -27.84 -8.54 -10.95
N PRO H 9 -29.09 -8.84 -11.33
CA PRO H 9 -30.05 -9.14 -10.27
C PRO H 9 -29.68 -10.42 -9.54
N ALA H 10 -30.06 -10.52 -8.30
CA ALA H 10 -29.98 -11.75 -7.54
C ALA H 10 -30.90 -12.79 -8.18
N PRO H 11 -30.48 -14.05 -8.28
CA PRO H 11 -31.37 -15.03 -8.91
C PRO H 11 -32.51 -15.36 -7.97
N PRO H 12 -33.67 -15.73 -8.51
CA PRO H 12 -34.65 -16.25 -7.57
C PRO H 12 -34.20 -17.57 -6.91
N LEU H 13 -34.76 -17.86 -5.76
CA LEU H 13 -34.37 -19.05 -5.02
C LEU H 13 -34.73 -20.34 -5.73
N SER H 14 -35.72 -20.28 -6.63
CA SER H 14 -36.02 -21.39 -7.54
C SER H 14 -34.82 -21.84 -8.37
N LYS H 15 -33.80 -20.99 -8.51
CA LYS H 15 -32.61 -21.36 -9.28
C LYS H 15 -31.47 -21.74 -8.40
N VAL H 16 -31.65 -21.73 -7.08
CA VAL H 16 -30.59 -22.08 -6.17
C VAL H 16 -30.85 -23.39 -5.40
N PRO H 17 -30.12 -24.48 -5.73
CA PRO H 17 -30.37 -25.75 -5.06
C PRO H 17 -30.08 -25.68 -3.58
N LEU H 18 -30.75 -26.53 -2.84
CA LEU H 18 -30.54 -26.66 -1.41
C LEU H 18 -30.01 -28.07 -1.16
N GLN H 19 -28.97 -28.17 -0.33
CA GLN H 19 -28.43 -29.48 0.02
C GLN H 19 -29.52 -30.30 0.69
N GLN H 20 -29.91 -31.40 0.07
CA GLN H 20 -30.99 -32.18 0.65
C GLN H 20 -30.50 -32.90 1.92
N ASN H 21 -31.41 -33.11 2.86
CA ASN H 21 -31.08 -33.83 4.11
C ASN H 21 -29.88 -33.27 4.84
N PHE H 22 -29.83 -31.94 4.91
CA PHE H 22 -28.69 -31.23 5.45
C PHE H 22 -28.44 -31.61 6.92
N GLN H 23 -27.19 -31.92 7.23
CA GLN H 23 -26.76 -32.31 8.57
C GLN H 23 -25.96 -31.19 9.25
N ASP H 24 -26.62 -30.46 10.15
CA ASP H 24 -26.01 -29.29 10.74
C ASP H 24 -24.74 -29.62 11.60
N ASN H 25 -24.74 -30.81 12.17
CA ASN H 25 -23.65 -31.26 13.04
C ASN H 25 -22.43 -31.62 12.24
N GLN H 26 -22.59 -32.00 10.97
CA GLN H 26 -21.44 -32.33 10.12
C GLN H 26 -20.87 -31.14 9.38
N PHE H 27 -21.63 -30.05 9.30
CA PHE H 27 -21.21 -28.86 8.58
C PHE H 27 -20.45 -27.92 9.49
N HIS H 28 -20.46 -28.19 10.79
CA HIS H 28 -19.80 -27.28 11.73
C HIS H 28 -18.29 -27.25 11.55
N GLY H 29 -17.66 -26.27 12.17
CA GLY H 29 -16.23 -26.11 12.13
C GLY H 29 -15.73 -25.13 11.06
N LYS H 30 -14.49 -25.32 10.66
CA LYS H 30 -13.79 -24.34 9.85
C LYS H 30 -13.83 -24.67 8.40
N TRP H 31 -14.11 -23.67 7.59
CA TRP H 31 -14.12 -23.78 6.18
C TRP H 31 -13.26 -22.67 5.60
N TYR H 32 -12.46 -22.97 4.60
CA TYR H 32 -11.69 -21.93 3.92
C TYR H 32 -12.41 -21.51 2.67
N VAL H 33 -12.34 -20.22 2.32
CA VAL H 33 -13.02 -19.71 1.12
C VAL H 33 -12.07 -19.86 -0.02
N VAL H 34 -12.25 -20.95 -0.74
CA VAL H 34 -11.40 -21.35 -1.86
C VAL H 34 -11.87 -20.64 -3.15
N GLY H 35 -13.16 -20.33 -3.22
CA GLY H 35 -13.75 -19.62 -4.37
C GLY H 35 -14.81 -18.67 -3.86
N LEU H 36 -14.95 -17.53 -4.53
CA LEU H 36 -15.93 -16.54 -4.20
C LEU H 36 -16.45 -15.93 -5.49
N ALA H 37 -17.77 -15.90 -5.64
CA ALA H 37 -18.39 -15.27 -6.81
C ALA H 37 -19.63 -14.44 -6.37
N GLY H 38 -19.80 -13.24 -6.90
CA GLY H 38 -20.96 -12.45 -6.52
C GLY H 38 -21.30 -11.35 -7.49
N ASN H 39 -22.52 -10.82 -7.42
CA ASN H 39 -22.88 -9.72 -8.31
C ASN H 39 -22.09 -8.43 -8.03
N GLU H 40 -21.50 -8.31 -6.85
CA GLU H 40 -20.69 -7.13 -6.52
C GLU H 40 -19.28 -7.48 -6.08
N VAL H 41 -18.80 -8.61 -6.59
CA VAL H 41 -17.44 -9.01 -6.42
C VAL H 41 -16.79 -9.15 -7.80
N LEU H 42 -15.65 -8.50 -7.98
CA LEU H 42 -14.87 -8.60 -9.20
C LEU H 42 -13.48 -9.07 -8.82
N ARG H 43 -12.86 -9.79 -9.75
CA ARG H 43 -11.49 -10.11 -9.63
C ARG H 43 -10.67 -8.77 -9.70
N GLU H 44 -9.75 -8.55 -8.79
CA GLU H 44 -8.99 -7.28 -8.74
C GLU H 44 -7.54 -7.59 -8.85
N ASP H 45 -6.99 -7.53 -10.04
CA ASP H 45 -5.58 -7.80 -10.27
C ASP H 45 -4.60 -6.91 -9.49
N LYS H 46 -5.00 -5.67 -9.20
CA LYS H 46 -4.17 -4.74 -8.41
C LYS H 46 -4.11 -5.12 -6.93
N ASP H 47 -5.06 -5.90 -6.46
CA ASP H 47 -5.12 -6.30 -5.03
C ASP H 47 -5.83 -7.64 -4.89
N PRO H 48 -5.17 -8.73 -5.32
CA PRO H 48 -5.95 -9.93 -5.47
C PRO H 48 -6.44 -10.46 -4.08
N MET H 49 -7.71 -10.87 -3.99
CA MET H 49 -8.31 -11.25 -2.74
C MET H 49 -7.49 -12.40 -2.14
N LYS H 50 -7.19 -12.25 -0.87
CA LYS H 50 -6.52 -13.28 -0.10
C LYS H 50 -7.52 -14.22 0.57
N MET H 51 -7.11 -15.45 0.75
CA MET H 51 -8.01 -16.43 1.34
C MET H 51 -8.42 -16.00 2.76
N TRP H 52 -9.68 -16.23 3.06
CA TRP H 52 -10.28 -15.96 4.38
C TRP H 52 -11.05 -17.22 4.81
N ALA H 53 -11.47 -17.29 6.08
CA ALA H 53 -12.07 -18.49 6.58
C ALA H 53 -13.36 -18.08 7.33
N THR H 54 -14.29 -19.03 7.40
CA THR H 54 -15.51 -18.90 8.16
C THR H 54 -15.66 -20.10 9.08
N ILE H 55 -15.90 -19.86 10.35
CA ILE H 55 -16.03 -20.91 11.35
C ILE H 55 -17.48 -20.98 11.85
N TYR H 56 -18.02 -22.17 11.78
CA TYR H 56 -19.42 -22.45 12.15
C TYR H 56 -19.47 -23.25 13.45
N GLU H 57 -19.97 -22.65 14.52
CA GLU H 57 -20.20 -23.32 15.78
C GLU H 57 -21.70 -23.58 15.96
N LEU H 58 -22.07 -24.86 15.96
CA LEU H 58 -23.48 -25.27 16.07
C LEU H 58 -23.92 -25.12 17.51
N GLU H 59 -24.91 -24.28 17.73
CA GLU H 59 -25.39 -24.02 19.07
C GLU H 59 -26.56 -24.96 19.44
N GLU H 60 -26.89 -25.04 20.73
CA GLU H 60 -28.00 -25.89 21.23
C GLU H 60 -29.32 -25.59 20.53
N ASP H 61 -29.63 -24.32 20.32
CA ASP H 61 -30.87 -23.94 19.58
C ASP H 61 -30.82 -24.18 18.07
N LYS H 62 -29.77 -24.84 17.58
CA LYS H 62 -29.64 -25.13 16.14
C LYS H 62 -29.20 -23.94 15.26
N SER H 63 -28.97 -22.78 15.88
CA SER H 63 -28.30 -21.66 15.20
C SER H 63 -26.79 -21.86 15.11
N TYR H 64 -26.15 -21.26 14.11
CA TYR H 64 -24.70 -21.20 14.11
C TYR H 64 -24.18 -19.85 14.57
N ASN H 65 -23.21 -19.85 15.51
CA ASN H 65 -22.35 -18.71 15.79
C ASN H 65 -21.23 -18.79 14.82
N VAL H 66 -21.15 -17.79 13.95
CA VAL H 66 -20.23 -17.78 12.86
C VAL H 66 -19.13 -16.75 13.13
N THR H 67 -17.88 -17.20 12.97
CA THR H 67 -16.70 -16.31 13.05
C THR H 67 -16.05 -16.23 11.68
N ILE H 68 -15.91 -15.01 11.16
CA ILE H 68 -15.23 -14.77 9.90
C ILE H 68 -13.83 -14.19 10.23
N VAL H 69 -12.79 -14.82 9.68
CA VAL H 69 -11.41 -14.39 9.86
C VAL H 69 -10.89 -13.90 8.53
N MET H 70 -10.55 -12.61 8.45
CA MET H 70 -9.98 -12.05 7.23
C MET H 70 -8.59 -11.45 7.45
N PRO H 71 -7.67 -11.73 6.52
CA PRO H 71 -6.30 -11.24 6.64
C PRO H 71 -6.24 -9.82 6.12
N LEU H 72 -5.87 -8.88 6.96
CA LEU H 72 -5.64 -7.48 6.49
C LEU H 72 -4.16 -7.12 6.47
N ALA H 73 -3.79 -5.98 5.89
CA ALA H 73 -2.37 -5.59 5.78
C ALA H 73 -1.74 -5.51 7.18
N GLU H 74 -2.43 -5.10 8.21
CA GLU H 74 -1.76 -4.78 9.49
C GLU H 74 -2.30 -5.57 10.65
N LYS H 75 -3.32 -6.40 10.43
CA LYS H 75 -3.96 -7.13 11.51
C LYS H 75 -4.81 -8.30 10.96
N CYS H 76 -5.27 -9.17 11.84
CA CYS H 76 -6.28 -10.17 11.47
C CYS H 76 -7.61 -9.58 11.90
N GLU H 77 -8.59 -9.58 11.01
CA GLU H 77 -9.93 -9.09 11.35
C GLU H 77 -10.86 -10.29 11.69
N TYR H 78 -11.59 -10.17 12.78
CA TYR H 78 -12.53 -11.19 13.20
C TYR H 78 -13.88 -10.55 13.24
N LEU H 79 -14.82 -11.09 12.45
CA LEU H 79 -16.20 -10.57 12.35
C LEU H 79 -17.15 -11.70 12.71
N PHE H 80 -18.34 -11.32 13.15
CA PHE H 80 -19.24 -12.25 13.83
C PHE H 80 -20.63 -12.11 13.26
N GLN H 81 -21.28 -13.25 13.02
CA GLN H 81 -22.69 -13.32 12.63
C GLN H 81 -23.39 -14.46 13.38
N THR H 82 -24.72 -14.46 13.34
CA THR H 82 -25.50 -15.57 13.84
C THR H 82 -26.40 -16.03 12.74
N PHE H 83 -26.31 -17.29 12.34
CA PHE H 83 -27.20 -17.84 11.33
C PHE H 83 -28.35 -18.58 12.04
N VAL H 84 -29.58 -18.12 11.85
CA VAL H 84 -30.70 -18.70 12.55
C VAL H 84 -31.52 -19.56 11.60
N PRO H 85 -31.88 -20.79 12.04
CA PRO H 85 -32.60 -21.77 11.24
C PRO H 85 -33.77 -21.13 10.53
N GLY H 86 -33.88 -21.38 9.24
CA GLY H 86 -34.98 -20.91 8.46
C GLY H 86 -36.00 -22.02 8.41
N SER H 87 -36.72 -22.12 7.30
CA SER H 87 -37.86 -23.03 7.24
C SER H 87 -37.42 -24.49 7.15
N GLN H 88 -36.31 -24.73 6.47
CA GLN H 88 -35.87 -26.06 6.15
C GLN H 88 -34.40 -26.16 6.56
N PRO H 89 -33.96 -27.36 6.92
CA PRO H 89 -32.55 -27.58 7.23
C PRO H 89 -31.66 -27.13 6.09
N GLY H 90 -30.58 -26.42 6.46
CA GLY H 90 -29.64 -25.88 5.48
C GLY H 90 -29.86 -24.44 5.03
N GLU H 91 -30.97 -23.83 5.46
CA GLU H 91 -31.25 -22.42 5.19
C GLU H 91 -31.29 -21.69 6.50
N PHE H 92 -30.83 -20.44 6.46
CA PHE H 92 -30.74 -19.60 7.63
C PHE H 92 -31.05 -18.17 7.27
N THR H 93 -31.48 -17.40 8.25
CA THR H 93 -31.48 -15.96 8.14
C THR H 93 -30.41 -15.39 9.06
N LEU H 94 -30.06 -14.15 8.78
CA LEU H 94 -29.10 -13.43 9.58
C LEU H 94 -29.76 -12.91 10.83
N GLY H 95 -29.24 -13.30 11.99
CA GLY H 95 -29.59 -12.67 13.26
C GLY H 95 -31.07 -12.65 13.49
N GLY H 96 -31.80 -13.60 12.86
CA GLY H 96 -33.26 -13.68 12.97
C GLY H 96 -34.05 -12.46 12.56
N ILE H 97 -33.60 -11.79 11.51
CA ILE H 97 -34.34 -10.65 10.92
C ILE H 97 -34.78 -11.10 9.52
N LYS H 98 -35.88 -10.55 9.02
CA LYS H 98 -36.41 -11.00 7.74
C LYS H 98 -36.79 -9.82 6.86
N SER H 99 -36.79 -10.06 5.55
CA SER H 99 -36.99 -9.00 4.58
C SER H 99 -38.41 -8.44 4.64
N GLY H 100 -38.57 -7.37 5.43
CA GLY H 100 -39.82 -6.60 5.47
C GLY H 100 -39.90 -5.64 4.30
N PRO H 101 -40.71 -4.57 4.44
CA PRO H 101 -40.81 -3.59 3.35
C PRO H 101 -39.46 -2.99 2.93
N GLY H 102 -38.80 -2.25 3.82
CA GLY H 102 -37.50 -1.64 3.50
C GLY H 102 -36.39 -2.08 4.46
N ARG H 103 -36.41 -3.34 4.86
CA ARG H 103 -35.53 -3.78 5.91
C ARG H 103 -34.20 -4.31 5.36
N THR H 104 -33.15 -4.12 6.16
CA THR H 104 -31.88 -4.79 5.95
C THR H 104 -32.03 -6.19 6.50
N SER H 105 -31.66 -7.19 5.69
CA SER H 105 -31.82 -8.58 6.11
C SER H 105 -30.95 -9.44 5.23
N GLY H 106 -30.92 -10.73 5.55
CA GLY H 106 -30.15 -11.65 4.75
C GLY H 106 -30.50 -13.09 4.88
N LEU H 107 -30.06 -13.87 3.91
CA LEU H 107 -30.18 -15.30 4.00
C LEU H 107 -28.96 -16.09 3.60
N VAL H 108 -28.96 -17.34 4.00
CA VAL H 108 -27.87 -18.25 3.74
C VAL H 108 -28.48 -19.55 3.30
N ARG H 109 -27.96 -20.11 2.22
CA ARG H 109 -28.44 -21.44 1.82
C ARG H 109 -27.27 -22.32 1.44
N VAL H 110 -27.17 -23.47 2.09
CA VAL H 110 -26.15 -24.44 1.71
C VAL H 110 -26.64 -25.14 0.48
N VAL H 111 -25.90 -24.95 -0.61
CA VAL H 111 -26.23 -25.43 -1.92
C VAL H 111 -25.86 -26.89 -2.13
N SER H 112 -24.66 -27.23 -1.71
CA SER H 112 -24.17 -28.57 -1.90
C SER H 112 -23.00 -28.78 -0.96
N THR H 113 -22.87 -29.95 -0.35
CA THR H 113 -21.65 -30.25 0.45
C THR H 113 -21.47 -31.74 0.67
N ASN H 114 -20.23 -32.20 0.88
CA ASN H 114 -20.02 -33.54 1.38
C ASN H 114 -19.42 -33.50 2.78
N TYR H 115 -19.48 -32.32 3.41
CA TYR H 115 -19.10 -32.10 4.83
C TYR H 115 -17.61 -32.29 5.16
N ASN H 116 -16.92 -33.27 4.61
CA ASN H 116 -15.52 -33.45 5.01
C ASN H 116 -14.50 -32.83 3.99
N GLN H 117 -14.97 -32.19 2.92
CA GLN H 117 -14.06 -31.69 1.91
C GLN H 117 -14.51 -30.36 1.31
N HIS H 118 -15.74 -30.28 0.80
CA HIS H 118 -16.17 -29.09 0.07
C HIS H 118 -17.60 -28.73 0.37
N ALA H 119 -17.89 -27.46 0.14
CA ALA H 119 -19.25 -26.95 0.12
C ALA H 119 -19.37 -25.81 -0.85
N MET H 120 -20.58 -25.60 -1.37
CA MET H 120 -20.98 -24.32 -1.94
C MET H 120 -22.13 -23.76 -1.13
N VAL H 121 -22.02 -22.47 -0.82
CA VAL H 121 -23.02 -21.77 0.00
C VAL H 121 -23.43 -20.48 -0.67
N PHE H 122 -24.73 -20.22 -0.70
CA PHE H 122 -25.30 -19.01 -1.31
C PHE H 122 -25.70 -18.04 -0.22
N PHE H 123 -25.34 -16.78 -0.39
CA PHE H 123 -25.63 -15.71 0.55
C PHE H 123 -26.34 -14.60 -0.22
N LYS H 124 -27.37 -14.02 0.39
CA LYS H 124 -27.99 -12.84 -0.16
C LYS H 124 -28.32 -11.89 0.97
N VAL H 125 -28.15 -10.60 0.70
CA VAL H 125 -28.61 -9.53 1.59
C VAL H 125 -29.36 -8.45 0.82
N VAL H 126 -30.25 -7.76 1.53
CA VAL H 126 -30.95 -6.64 1.00
C VAL H 126 -30.18 -5.46 1.56
N TRP H 127 -29.56 -4.70 0.65
CA TRP H 127 -28.70 -3.57 0.99
C TRP H 127 -29.18 -2.39 0.19
N GLN H 128 -29.60 -1.32 0.86
CA GLN H 128 -30.06 -0.05 0.21
C GLN H 128 -31.06 -0.33 -0.90
N ASN H 129 -32.03 -1.15 -0.54
CA ASN H 129 -33.05 -1.63 -1.45
C ASN H 129 -32.62 -2.26 -2.77
N ARG H 130 -31.45 -2.91 -2.79
CA ARG H 130 -31.15 -3.81 -3.88
C ARG H 130 -30.69 -5.11 -3.27
N GLU H 131 -30.50 -6.14 -4.08
CA GLU H 131 -30.09 -7.47 -3.59
C GLU H 131 -28.67 -7.80 -4.00
N VAL H 132 -27.85 -8.10 -3.00
CA VAL H 132 -26.47 -8.42 -3.24
C VAL H 132 -26.32 -9.87 -2.85
N PHE H 133 -25.63 -10.63 -3.69
CA PHE H 133 -25.50 -12.06 -3.47
C PHE H 133 -24.12 -12.53 -3.78
N TRP H 134 -23.68 -13.55 -3.09
CA TRP H 134 -22.43 -14.20 -3.39
C TRP H 134 -22.48 -15.68 -3.11
N VAL H 135 -21.62 -16.43 -3.78
CA VAL H 135 -21.49 -17.87 -3.54
C VAL H 135 -20.06 -18.15 -3.09
N THR H 136 -19.87 -18.84 -1.96
CA THR H 136 -18.56 -19.32 -1.55
C THR H 136 -18.37 -20.78 -1.92
N LEU H 137 -17.18 -21.09 -2.42
CA LEU H 137 -16.73 -22.47 -2.53
C LEU H 137 -15.85 -22.63 -1.33
N TYR H 138 -16.32 -23.45 -0.40
CA TYR H 138 -15.61 -23.73 0.81
C TYR H 138 -14.82 -25.04 0.69
N GLY H 139 -13.67 -25.07 1.35
CA GLY H 139 -12.82 -26.27 1.45
C GLY H 139 -12.49 -26.48 2.91
N ARG H 140 -12.39 -27.73 3.34
CA ARG H 140 -11.88 -28.03 4.64
C ARG H 140 -10.35 -27.81 4.70
N THR H 141 -9.71 -27.86 3.53
CA THR H 141 -8.30 -27.50 3.30
C THR H 141 -8.31 -26.32 2.33
N LYS H 142 -7.13 -25.75 2.15
CA LYS H 142 -7.00 -24.53 1.36
C LYS H 142 -7.02 -24.78 -0.14
N GLU H 143 -6.91 -26.03 -0.55
CA GLU H 143 -6.89 -26.43 -1.96
C GLU H 143 -8.06 -27.39 -2.23
N LEU H 144 -8.67 -27.26 -3.42
CA LEU H 144 -9.68 -28.25 -3.88
C LEU H 144 -9.31 -28.68 -5.27
N THR H 145 -9.97 -29.71 -5.76
CA THR H 145 -9.69 -30.23 -7.07
C THR H 145 -10.14 -29.29 -8.16
N SER H 146 -9.53 -29.42 -9.33
CA SER H 146 -9.96 -28.70 -10.52
C SER H 146 -11.41 -28.96 -10.89
N GLU H 147 -11.85 -30.21 -10.75
CA GLU H 147 -13.24 -30.53 -10.99
C GLU H 147 -14.21 -29.72 -10.11
N LEU H 148 -13.92 -29.58 -8.81
CA LEU H 148 -14.77 -28.87 -7.89
C LEU H 148 -14.81 -27.36 -8.21
N LYS H 149 -13.68 -26.82 -8.62
CA LYS H 149 -13.56 -25.40 -8.98
C LYS H 149 -14.32 -25.12 -10.28
N GLU H 150 -14.14 -25.99 -11.24
CA GLU H 150 -14.92 -25.97 -12.50
C GLU H 150 -16.43 -26.06 -12.29
N ASN H 151 -16.86 -26.93 -11.38
CA ASN H 151 -18.30 -27.02 -11.03
C ASN H 151 -18.80 -25.70 -10.40
N PHE H 152 -17.94 -25.11 -9.55
CA PHE H 152 -18.23 -23.80 -8.96
C PHE H 152 -18.34 -22.69 -10.00
N ILE H 153 -17.43 -22.68 -10.98
CA ILE H 153 -17.51 -21.73 -12.08
C ILE H 153 -18.84 -21.96 -12.85
N ARG H 154 -19.14 -23.20 -13.23
CA ARG H 154 -20.40 -23.47 -13.95
C ARG H 154 -21.63 -22.99 -13.18
N PHE H 155 -21.68 -23.27 -11.88
CA PHE H 155 -22.81 -22.92 -11.08
C PHE H 155 -22.91 -21.40 -10.92
N SER H 156 -21.80 -20.71 -10.72
CA SER H 156 -21.85 -19.23 -10.65
C SER H 156 -22.39 -18.58 -11.91
N LYS H 157 -21.97 -19.09 -13.05
CA LYS H 157 -22.40 -18.54 -14.27
C LYS H 157 -23.88 -18.86 -14.51
N SER H 158 -24.37 -20.01 -14.01
CA SER H 158 -25.80 -20.34 -14.16
C SER H 158 -26.61 -19.37 -13.31
N LEU H 159 -26.00 -18.71 -12.33
CA LEU H 159 -26.71 -17.62 -11.64
C LEU H 159 -26.63 -16.24 -12.29
N GLY H 160 -26.16 -16.17 -13.53
CA GLY H 160 -25.93 -14.91 -14.22
C GLY H 160 -24.62 -14.17 -13.93
N LEU H 161 -23.62 -14.81 -13.34
CA LEU H 161 -22.36 -14.11 -13.09
C LEU H 161 -21.32 -14.26 -14.23
N PRO H 162 -20.84 -13.15 -14.80
CA PRO H 162 -19.76 -13.31 -15.78
C PRO H 162 -18.48 -13.81 -15.09
N GLU H 163 -17.56 -14.30 -15.90
CA GLU H 163 -16.31 -14.87 -15.41
C GLU H 163 -15.48 -13.92 -14.55
N ASN H 164 -15.51 -12.63 -14.83
CA ASN H 164 -14.69 -11.69 -14.05
C ASN H 164 -15.31 -11.39 -12.67
N HIS H 165 -16.44 -12.05 -12.36
CA HIS H 165 -17.08 -11.93 -11.06
C HIS H 165 -16.81 -13.14 -10.26
N ILE H 166 -15.84 -13.94 -10.72
CA ILE H 166 -15.53 -15.21 -10.09
C ILE H 166 -14.06 -15.20 -9.60
N VAL H 167 -13.85 -15.40 -8.30
CA VAL H 167 -12.53 -15.15 -7.71
C VAL H 167 -12.05 -16.39 -7.01
N PHE H 168 -10.75 -16.69 -7.11
CA PHE H 168 -10.11 -17.74 -6.28
C PHE H 168 -9.08 -17.13 -5.32
N PRO H 169 -9.50 -16.92 -4.07
CA PRO H 169 -8.65 -16.18 -3.16
C PRO H 169 -7.30 -16.87 -3.00
N VAL H 170 -6.22 -16.10 -2.87
CA VAL H 170 -4.87 -16.64 -2.77
C VAL H 170 -4.69 -17.33 -1.43
N PRO H 171 -4.28 -18.62 -1.44
CA PRO H 171 -3.90 -19.31 -0.21
C PRO H 171 -2.72 -18.59 0.51
N ILE H 172 -2.91 -18.37 1.79
CA ILE H 172 -1.92 -17.75 2.64
C ILE H 172 -2.00 -18.51 3.97
N ASP H 173 -1.09 -18.24 4.86
CA ASP H 173 -1.09 -18.82 6.20
C ASP H 173 -1.54 -17.84 7.29
N GLN H 174 -1.21 -16.57 7.14
CA GLN H 174 -1.44 -15.64 8.22
C GLN H 174 -2.96 -15.52 8.51
N CYS H 175 -3.34 -15.41 9.80
CA CYS H 175 -4.72 -15.21 10.28
C CYS H 175 -5.59 -16.45 10.16
N ILE H 176 -5.53 -17.10 9.02
CA ILE H 176 -6.42 -18.20 8.77
C ILE H 176 -5.94 -19.56 9.26
N ASP H 177 -4.65 -19.72 9.51
CA ASP H 177 -4.18 -20.98 10.04
C ASP H 177 -4.68 -21.25 11.49
N GLY H 178 -5.13 -22.47 11.71
CA GLY H 178 -5.85 -22.84 12.94
C GLY H 178 -4.92 -23.10 14.10
N ASP I 6 5.31 25.36 12.81
CA ASP I 6 4.87 25.88 14.12
C ASP I 6 3.32 25.89 14.23
N LEU I 7 2.81 26.00 15.45
CA LEU I 7 1.39 25.74 15.73
C LEU I 7 0.53 26.93 15.33
N ILE I 8 -0.74 26.67 15.00
CA ILE I 8 -1.70 27.70 14.62
C ILE I 8 -2.81 27.66 15.65
N PRO I 9 -2.96 28.75 16.43
CA PRO I 9 -3.96 28.72 17.50
C PRO I 9 -5.39 28.62 16.96
N ALA I 10 -6.31 28.05 17.73
CA ALA I 10 -7.72 28.12 17.40
C ALA I 10 -8.12 29.59 17.30
N PRO I 11 -9.02 29.92 16.36
CA PRO I 11 -9.41 31.33 16.23
C PRO I 11 -10.31 31.75 17.35
N PRO I 12 -10.36 33.08 17.67
CA PRO I 12 -11.35 33.52 18.67
C PRO I 12 -12.74 33.10 18.22
N LEU I 13 -13.59 32.66 19.15
CA LEU I 13 -14.92 32.15 18.78
C LEU I 13 -15.79 33.23 18.15
N SER I 14 -15.45 34.49 18.45
CA SER I 14 -16.06 35.66 17.83
C SER I 14 -15.93 35.60 16.29
N LYS I 15 -14.76 35.20 15.79
CA LYS I 15 -14.51 35.12 14.33
C LYS I 15 -15.23 33.98 13.61
N VAL I 16 -16.00 33.18 14.36
CA VAL I 16 -16.64 32.00 13.83
C VAL I 16 -18.13 32.22 13.96
N PRO I 17 -18.78 32.68 12.88
CA PRO I 17 -20.22 32.94 12.92
C PRO I 17 -21.04 31.72 13.24
N LEU I 18 -22.30 31.96 13.60
CA LEU I 18 -23.24 30.91 13.89
C LEU I 18 -24.47 31.09 12.99
N GLN I 19 -24.90 30.03 12.33
CA GLN I 19 -26.09 30.15 11.51
C GLN I 19 -27.17 30.78 12.37
N GLN I 20 -27.80 31.84 11.87
CA GLN I 20 -28.95 32.41 12.57
C GLN I 20 -30.16 31.49 12.46
N ASN I 21 -30.97 31.47 13.50
CA ASN I 21 -32.12 30.58 13.57
C ASN I 21 -31.87 29.18 12.99
N PHE I 22 -31.00 28.44 13.64
CA PHE I 22 -30.67 27.11 13.15
C PHE I 22 -31.87 26.16 13.28
N GLN I 23 -32.32 25.63 12.14
CA GLN I 23 -33.34 24.57 12.09
C GLN I 23 -32.71 23.19 12.26
N ASP I 24 -32.71 22.64 13.48
CA ASP I 24 -32.11 21.31 13.69
C ASP I 24 -32.73 20.20 12.81
N ASN I 25 -34.06 20.26 12.63
CA ASN I 25 -34.80 19.28 11.84
C ASN I 25 -34.69 19.45 10.34
N GLN I 26 -34.09 20.53 9.86
CA GLN I 26 -33.75 20.56 8.44
C GLN I 26 -32.32 20.14 8.18
N PHE I 27 -31.49 20.11 9.22
CA PHE I 27 -30.06 19.88 9.02
C PHE I 27 -29.73 18.40 9.08
N HIS I 28 -30.73 17.62 9.45
CA HIS I 28 -30.53 16.20 9.71
C HIS I 28 -30.26 15.44 8.42
N GLY I 29 -29.79 14.21 8.53
CA GLY I 29 -29.50 13.38 7.37
C GLY I 29 -28.05 13.41 6.96
N LYS I 30 -27.77 13.07 5.69
CA LYS I 30 -26.42 12.82 5.22
C LYS I 30 -25.79 14.01 4.52
N TRP I 31 -24.58 14.31 4.97
CA TRP I 31 -23.72 15.31 4.37
C TRP I 31 -22.39 14.70 3.91
N TYR I 32 -21.98 15.03 2.68
CA TYR I 32 -20.66 14.65 2.19
C TYR I 32 -19.68 15.73 2.53
N VAL I 33 -18.47 15.35 2.89
CA VAL I 33 -17.41 16.30 3.21
C VAL I 33 -16.68 16.69 1.92
N VAL I 34 -17.08 17.83 1.40
CA VAL I 34 -16.62 18.30 0.08
C VAL I 34 -15.36 19.13 0.25
N GLY I 35 -15.19 19.69 1.44
CA GLY I 35 -14.00 20.45 1.77
C GLY I 35 -13.68 20.24 3.23
N LEU I 36 -12.38 20.27 3.54
CA LEU I 36 -11.93 20.13 4.92
C LEU I 36 -10.71 21.00 5.08
N ALA I 37 -10.70 21.83 6.12
CA ALA I 37 -9.58 22.68 6.44
C ALA I 37 -9.35 22.63 7.95
N GLY I 38 -8.08 22.58 8.38
CA GLY I 38 -7.81 22.60 9.80
C GLY I 38 -6.38 22.89 10.15
N ASN I 39 -6.16 23.25 11.42
CA ASN I 39 -4.80 23.57 11.84
C ASN I 39 -3.89 22.34 11.88
N GLU I 40 -4.49 21.14 11.83
CA GLU I 40 -3.66 19.93 11.82
C GLU I 40 -4.00 19.04 10.65
N VAL I 41 -4.47 19.66 9.59
CA VAL I 41 -4.80 18.97 8.36
C VAL I 41 -4.02 19.63 7.27
N LEU I 42 -3.29 18.81 6.53
CA LEU I 42 -2.55 19.26 5.35
C LEU I 42 -3.00 18.46 4.17
N ARG I 43 -2.89 19.06 3.01
CA ARG I 43 -3.08 18.37 1.75
C ARG I 43 -1.93 17.36 1.59
N GLU I 44 -2.26 16.11 1.30
CA GLU I 44 -1.24 15.06 1.26
C GLU I 44 -1.21 14.45 -0.10
N ASP I 45 -0.35 14.98 -0.97
CA ASP I 45 -0.27 14.52 -2.34
C ASP I 45 0.06 13.03 -2.49
N LYS I 46 0.84 12.49 -1.56
CA LYS I 46 1.16 11.06 -1.55
C LYS I 46 -0.05 10.16 -1.24
N ASP I 47 -1.06 10.71 -0.59
CA ASP I 47 -2.22 9.92 -0.16
C ASP I 47 -3.42 10.86 -0.09
N PRO I 48 -3.92 11.33 -1.24
CA PRO I 48 -4.97 12.35 -1.15
C PRO I 48 -6.21 11.93 -0.42
N MET I 49 -6.69 12.77 0.47
CA MET I 49 -7.83 12.41 1.29
C MET I 49 -9.03 12.09 0.40
N LYS I 50 -9.71 11.00 0.70
CA LYS I 50 -10.91 10.65 -0.07
C LYS I 50 -12.14 11.15 0.66
N MET I 51 -13.22 11.38 -0.10
CA MET I 51 -14.43 11.89 0.49
C MET I 51 -14.97 10.94 1.53
N TRP I 52 -15.46 11.52 2.61
CA TRP I 52 -16.15 10.83 3.69
C TRP I 52 -17.49 11.55 3.94
N ALA I 53 -18.36 10.96 4.77
CA ALA I 53 -19.71 11.46 4.97
C ALA I 53 -20.03 11.45 6.45
N THR I 54 -20.85 12.41 6.85
CA THR I 54 -21.35 12.52 8.22
C THR I 54 -22.88 12.52 8.19
N ILE I 55 -23.49 11.61 8.93
CA ILE I 55 -24.94 11.43 8.97
C ILE I 55 -25.46 11.91 10.32
N TYR I 56 -26.44 12.81 10.29
CA TYR I 56 -27.01 13.45 11.48
C TYR I 56 -28.41 12.90 11.76
N GLU I 57 -28.63 12.19 12.87
CA GLU I 57 -29.96 11.71 13.26
C GLU I 57 -30.49 12.53 14.43
N LEU I 58 -31.56 13.30 14.20
CA LEU I 58 -32.11 14.16 15.24
C LEU I 58 -32.87 13.29 16.23
N GLU I 59 -32.47 13.33 17.49
CA GLU I 59 -33.15 12.53 18.52
C GLU I 59 -34.24 13.38 19.16
N GLU I 60 -35.19 12.70 19.78
CA GLU I 60 -36.35 13.41 20.31
C GLU I 60 -35.95 14.35 21.46
N ASP I 61 -34.78 14.11 22.06
CA ASP I 61 -34.25 15.03 23.07
C ASP I 61 -33.37 16.16 22.51
N LYS I 62 -33.31 16.26 21.18
CA LYS I 62 -32.63 17.37 20.46
C LYS I 62 -31.14 17.21 20.24
N SER I 63 -30.58 16.12 20.73
CA SER I 63 -29.21 15.83 20.40
C SER I 63 -29.22 15.20 19.02
N TYR I 64 -28.03 15.19 18.43
CA TYR I 64 -27.77 14.40 17.24
C TYR I 64 -26.92 13.17 17.55
N ASN I 65 -27.42 12.01 17.12
CA ASN I 65 -26.59 10.83 16.95
C ASN I 65 -25.93 10.91 15.59
N VAL I 66 -24.60 11.00 15.61
CA VAL I 66 -23.81 11.20 14.38
C VAL I 66 -23.09 9.89 14.02
N THR I 67 -23.16 9.53 12.74
CA THR I 67 -22.39 8.48 12.18
C THR I 67 -21.42 9.03 11.15
N ILE I 68 -20.15 8.73 11.32
CA ILE I 68 -19.15 9.15 10.37
C ILE I 68 -18.75 7.94 9.52
N VAL I 69 -18.80 8.09 8.21
CA VAL I 69 -18.47 7.02 7.30
C VAL I 69 -17.18 7.37 6.58
N MET I 70 -16.16 6.55 6.81
CA MET I 70 -14.87 6.75 6.20
C MET I 70 -14.38 5.56 5.38
N PRO I 71 -13.93 5.84 4.17
CA PRO I 71 -13.41 4.81 3.29
C PRO I 71 -11.96 4.51 3.57
N LEU I 72 -11.69 3.27 3.95
CA LEU I 72 -10.32 2.81 4.17
C LEU I 72 -9.97 1.82 3.06
N ALA I 73 -8.71 1.46 2.97
CA ALA I 73 -8.22 0.56 1.90
C ALA I 73 -8.97 -0.76 1.91
N GLU I 74 -9.35 -1.27 3.08
CA GLU I 74 -9.87 -2.65 3.16
C GLU I 74 -11.24 -2.81 3.69
N LYS I 75 -11.86 -1.70 4.08
CA LYS I 75 -13.13 -1.76 4.72
C LYS I 75 -13.73 -0.39 4.73
N CYS I 76 -14.98 -0.33 5.13
CA CYS I 76 -15.64 0.93 5.46
C CYS I 76 -15.65 1.06 6.97
N GLU I 77 -15.24 2.23 7.46
CA GLU I 77 -15.17 2.51 8.84
C GLU I 77 -16.39 3.35 9.26
N TYR I 78 -17.04 2.93 10.32
CA TYR I 78 -18.16 3.67 10.87
C TYR I 78 -17.81 4.11 12.30
N LEU I 79 -17.81 5.42 12.52
CA LEU I 79 -17.49 5.99 13.82
C LEU I 79 -18.72 6.74 14.32
N PHE I 80 -18.86 6.84 15.63
CA PHE I 80 -20.05 7.39 16.26
C PHE I 80 -19.73 8.45 17.27
N GLN I 81 -20.57 9.49 17.27
CA GLN I 81 -20.54 10.58 18.24
C GLN I 81 -21.97 11.01 18.55
N THR I 82 -22.11 11.68 19.68
CA THR I 82 -23.33 12.33 20.06
C THR I 82 -23.02 13.83 20.18
N PHE I 83 -23.81 14.64 19.51
CA PHE I 83 -23.68 16.10 19.58
C PHE I 83 -24.82 16.63 20.47
N VAL I 84 -24.46 17.17 21.63
CA VAL I 84 -25.50 17.60 22.57
C VAL I 84 -25.68 19.13 22.46
N PRO I 85 -26.94 19.59 22.38
CA PRO I 85 -27.28 21.02 22.19
C PRO I 85 -26.51 21.95 23.09
N GLY I 86 -26.00 23.03 22.51
CA GLY I 86 -25.37 24.10 23.29
C GLY I 86 -26.40 25.07 23.81
N SER I 87 -25.95 26.28 24.12
CA SER I 87 -26.82 27.30 24.65
C SER I 87 -27.64 27.90 23.50
N GLN I 88 -27.03 27.92 22.32
CA GLN I 88 -27.66 28.41 21.11
C GLN I 88 -27.96 27.23 20.17
N PRO I 89 -29.04 27.35 19.39
CA PRO I 89 -29.32 26.49 18.26
C PRO I 89 -28.17 26.52 17.27
N GLY I 90 -27.71 25.34 16.86
CA GLY I 90 -26.60 25.22 15.90
C GLY I 90 -25.26 25.02 16.57
N GLU I 91 -25.23 25.07 17.88
CA GLU I 91 -24.02 24.83 18.63
C GLU I 91 -24.17 23.62 19.53
N PHE I 92 -23.12 22.81 19.60
CA PHE I 92 -23.15 21.56 20.37
C PHE I 92 -21.82 21.31 21.06
N THR I 93 -21.88 20.42 22.04
CA THR I 93 -20.70 19.85 22.63
C THR I 93 -20.75 18.31 22.43
N LEU I 94 -19.67 17.61 22.76
CA LEU I 94 -19.58 16.16 22.53
C LEU I 94 -20.06 15.39 23.73
N GLY I 95 -20.97 14.44 23.54
CA GLY I 95 -21.70 13.75 24.62
C GLY I 95 -20.91 13.19 25.79
N SER I 105 -13.78 17.39 26.28
CA SER I 105 -14.69 18.37 25.71
C SER I 105 -14.44 18.50 24.21
N GLY I 106 -15.47 18.98 23.53
CA GLY I 106 -15.43 19.24 22.10
C GLY I 106 -16.56 20.20 21.83
N LEU I 107 -16.41 21.02 20.80
CA LEU I 107 -17.38 22.04 20.41
C LEU I 107 -17.70 21.85 18.93
N VAL I 108 -18.96 22.04 18.57
CA VAL I 108 -19.42 22.02 17.19
C VAL I 108 -20.21 23.32 16.97
N ARG I 109 -19.95 24.03 15.87
CA ARG I 109 -20.77 25.20 15.54
C ARG I 109 -21.11 25.24 14.05
N VAL I 110 -22.40 25.22 13.70
CA VAL I 110 -22.82 25.33 12.31
C VAL I 110 -22.67 26.81 11.92
N VAL I 111 -21.71 27.06 11.04
CA VAL I 111 -21.33 28.39 10.66
C VAL I 111 -22.31 28.97 9.67
N SER I 112 -22.69 28.18 8.69
CA SER I 112 -23.72 28.61 7.77
C SER I 112 -24.27 27.42 7.01
N THR I 113 -25.54 27.52 6.60
CA THR I 113 -26.18 26.48 5.78
C THR I 113 -27.51 26.90 5.16
N ASN I 114 -27.84 26.29 4.03
CA ASN I 114 -29.18 26.39 3.46
C ASN I 114 -29.94 25.07 3.46
N TYR I 115 -29.39 24.08 4.16
CA TYR I 115 -30.08 22.81 4.49
C TYR I 115 -30.21 21.82 3.35
N ASN I 116 -30.52 22.28 2.17
CA ASN I 116 -30.79 21.34 1.08
C ASN I 116 -29.66 21.21 0.09
N GLN I 117 -28.62 22.01 0.28
CA GLN I 117 -27.48 22.00 -0.62
C GLN I 117 -26.12 21.95 0.10
N HIS I 118 -25.85 22.94 0.95
CA HIS I 118 -24.55 23.09 1.53
C HIS I 118 -24.57 23.49 3.00
N ALA I 119 -23.40 23.34 3.61
CA ALA I 119 -23.13 23.85 4.95
C ALA I 119 -21.65 24.00 5.19
N MET I 120 -21.31 24.84 6.15
CA MET I 120 -20.00 24.89 6.71
C MET I 120 -20.14 24.74 8.23
N VAL I 121 -19.37 23.82 8.79
CA VAL I 121 -19.36 23.57 10.22
C VAL I 121 -17.95 23.64 10.79
N PHE I 122 -17.86 24.24 11.96
CA PHE I 122 -16.61 24.45 12.68
C PHE I 122 -16.60 23.47 13.84
N PHE I 123 -15.47 22.78 14.02
CA PHE I 123 -15.29 21.81 15.08
C PHE I 123 -14.03 22.18 15.81
N LYS I 124 -14.03 22.05 17.12
CA LYS I 124 -12.83 22.24 17.91
C LYS I 124 -12.75 21.23 19.05
N VAL I 125 -11.52 20.80 19.37
CA VAL I 125 -11.29 19.92 20.51
C VAL I 125 -10.05 20.32 21.27
N VAL I 126 -9.99 19.93 22.52
CA VAL I 126 -8.78 20.10 23.27
C VAL I 126 -8.08 18.74 23.20
N TRP I 127 -6.86 18.74 22.69
CA TRP I 127 -6.10 17.50 22.59
C TRP I 127 -4.71 17.73 23.15
N GLN I 128 -4.38 17.00 24.23
CA GLN I 128 -3.06 17.10 24.85
C GLN I 128 -2.68 18.56 25.12
N ASN I 129 -3.60 19.32 25.70
CA ASN I 129 -3.36 20.73 26.03
C ASN I 129 -3.13 21.69 24.84
N ARG I 130 -3.69 21.29 23.71
CA ARG I 130 -3.54 21.93 22.43
C ARG I 130 -4.98 22.12 21.96
N GLU I 131 -5.27 23.15 21.21
CA GLU I 131 -6.58 23.25 20.59
C GLU I 131 -6.46 22.86 19.13
N VAL I 132 -7.27 21.90 18.71
CA VAL I 132 -7.26 21.43 17.34
C VAL I 132 -8.63 21.73 16.73
N PHE I 133 -8.65 22.35 15.56
CA PHE I 133 -9.92 22.70 14.95
C PHE I 133 -9.92 22.42 13.48
N TRP I 134 -11.13 22.27 12.96
CA TRP I 134 -11.29 22.06 11.56
C TRP I 134 -12.65 22.58 11.12
N VAL I 135 -12.75 22.88 9.82
CA VAL I 135 -14.00 23.30 9.21
C VAL I 135 -14.33 22.34 8.06
N THR I 136 -15.56 21.83 8.04
CA THR I 136 -16.08 21.09 6.94
C THR I 136 -16.95 21.92 6.06
N LEU I 137 -16.72 21.81 4.75
CA LEU I 137 -17.68 22.16 3.75
C LEU I 137 -18.46 20.88 3.38
N TYR I 138 -19.73 20.89 3.76
CA TYR I 138 -20.64 19.83 3.50
C TYR I 138 -21.48 20.09 2.25
N GLY I 139 -21.74 19.04 1.47
CA GLY I 139 -22.72 19.05 0.40
C GLY I 139 -23.76 17.93 0.58
N ARG I 140 -24.99 18.16 0.14
CA ARG I 140 -25.96 17.05 0.10
C ARG I 140 -25.61 16.13 -1.08
N THR I 141 -24.90 16.66 -2.07
CA THR I 141 -24.30 15.91 -3.15
C THR I 141 -22.76 16.02 -2.98
N LYS I 142 -22.05 15.22 -3.76
CA LYS I 142 -20.59 15.15 -3.69
C LYS I 142 -19.87 16.33 -4.37
N GLU I 143 -20.60 17.12 -5.14
CA GLU I 143 -20.06 18.31 -5.81
C GLU I 143 -20.79 19.56 -5.35
N LEU I 144 -20.04 20.64 -5.15
CA LEU I 144 -20.62 21.96 -4.94
C LEU I 144 -20.05 22.90 -5.98
N THR I 145 -20.67 24.05 -6.09
CA THR I 145 -20.30 25.08 -7.05
C THR I 145 -18.92 25.60 -6.75
N SER I 146 -18.23 26.13 -7.76
CA SER I 146 -16.97 26.83 -7.55
C SER I 146 -17.12 27.94 -6.52
N GLU I 147 -18.24 28.67 -6.62
CA GLU I 147 -18.48 29.81 -5.77
C GLU I 147 -18.42 29.40 -4.32
N LEU I 148 -19.11 28.33 -3.98
CA LEU I 148 -19.17 27.86 -2.59
C LEU I 148 -17.81 27.38 -2.06
N LYS I 149 -17.00 26.76 -2.91
CA LYS I 149 -15.67 26.30 -2.51
C LYS I 149 -14.71 27.47 -2.28
N GLU I 150 -14.78 28.49 -3.14
CA GLU I 150 -14.03 29.73 -2.93
C GLU I 150 -14.43 30.40 -1.62
N ASN I 151 -15.73 30.38 -1.30
CA ASN I 151 -16.24 30.94 -0.04
C ASN I 151 -15.64 30.20 1.15
N PHE I 152 -15.60 28.87 1.03
CA PHE I 152 -15.00 28.01 2.03
C PHE I 152 -13.50 28.30 2.17
N ILE I 153 -12.82 28.52 1.07
CA ILE I 153 -11.42 28.92 1.13
C ILE I 153 -11.27 30.24 1.88
N ARG I 154 -12.07 31.24 1.52
CA ARG I 154 -12.02 32.55 2.16
C ARG I 154 -12.18 32.45 3.66
N PHE I 155 -13.21 31.75 4.09
CA PHE I 155 -13.48 31.55 5.51
C PHE I 155 -12.34 30.84 6.22
N SER I 156 -11.88 29.71 5.65
CA SER I 156 -10.77 28.98 6.21
C SER I 156 -9.57 29.89 6.44
N LYS I 157 -9.24 30.68 5.44
CA LYS I 157 -8.11 31.60 5.59
C LYS I 157 -8.38 32.68 6.62
N SER I 158 -9.59 33.20 6.70
CA SER I 158 -9.94 34.17 7.74
C SER I 158 -9.68 33.63 9.14
N LEU I 159 -9.62 32.31 9.29
CA LEU I 159 -9.36 31.73 10.61
C LEU I 159 -7.87 31.43 10.83
N GLY I 160 -7.00 31.88 9.92
CA GLY I 160 -5.56 31.70 10.06
C GLY I 160 -4.98 30.48 9.36
N LEU I 161 -5.76 29.82 8.50
CA LEU I 161 -5.26 28.63 7.83
C LEU I 161 -4.67 28.93 6.46
N PRO I 162 -3.41 28.52 6.24
CA PRO I 162 -2.84 28.71 4.92
C PRO I 162 -3.43 27.74 3.92
N GLU I 163 -3.14 28.01 2.66
CA GLU I 163 -3.76 27.30 1.54
C GLU I 163 -3.53 25.76 1.62
N ASN I 164 -2.37 25.36 2.09
CA ASN I 164 -2.03 23.94 2.08
C ASN I 164 -2.70 23.18 3.22
N HIS I 165 -3.42 23.90 4.09
CA HIS I 165 -4.28 23.28 5.09
C HIS I 165 -5.72 23.19 4.67
N ILE I 166 -5.99 23.38 3.38
CA ILE I 166 -7.36 23.30 2.87
C ILE I 166 -7.40 22.19 1.84
N VAL I 167 -8.34 21.28 2.01
CA VAL I 167 -8.34 20.04 1.24
C VAL I 167 -9.72 19.85 0.63
N PHE I 168 -9.75 19.32 -0.58
CA PHE I 168 -10.99 18.91 -1.23
C PHE I 168 -10.97 17.39 -1.47
N PRO I 169 -11.66 16.66 -0.59
CA PRO I 169 -11.64 15.19 -0.66
C PRO I 169 -12.12 14.70 -2.01
N VAL I 170 -11.42 13.69 -2.52
CA VAL I 170 -11.72 13.13 -3.80
C VAL I 170 -13.06 12.44 -3.73
N PRO I 171 -14.02 12.79 -4.64
CA PRO I 171 -15.30 12.06 -4.71
C PRO I 171 -15.07 10.58 -5.05
N ILE I 172 -15.71 9.72 -4.27
CA ILE I 172 -15.73 8.29 -4.53
C ILE I 172 -17.15 7.80 -4.33
N ASP I 173 -17.41 6.57 -4.72
CA ASP I 173 -18.69 5.90 -4.48
C ASP I 173 -18.65 4.97 -3.28
N GLN I 174 -17.50 4.34 -3.04
CA GLN I 174 -17.46 3.28 -2.08
C GLN I 174 -17.69 3.82 -0.66
N CYS I 175 -18.38 3.04 0.17
CA CYS I 175 -18.68 3.40 1.56
C CYS I 175 -19.71 4.52 1.75
N ILE I 176 -19.43 5.68 1.17
CA ILE I 176 -20.24 6.89 1.36
C ILE I 176 -21.57 6.93 0.58
N ASP I 177 -21.73 6.10 -0.43
CA ASP I 177 -23.09 5.90 -0.94
C ASP I 177 -23.95 5.02 -0.03
N ASP J 6 7.81 28.76 4.65
CA ASP J 6 8.42 27.39 4.61
C ASP J 6 9.69 27.26 3.79
N LEU J 7 9.94 28.17 2.85
CA LEU J 7 11.15 28.08 2.04
C LEU J 7 12.43 28.46 2.81
N ILE J 8 13.43 27.62 2.71
CA ILE J 8 14.66 27.75 3.48
C ILE J 8 15.75 27.92 2.45
N PRO J 9 16.40 29.10 2.41
CA PRO J 9 17.47 29.34 1.44
C PRO J 9 18.63 28.35 1.62
N ALA J 10 19.41 28.13 0.56
CA ALA J 10 20.65 27.37 0.70
C ALA J 10 21.58 28.26 1.52
N PRO J 11 22.46 27.65 2.32
CA PRO J 11 23.31 28.48 3.15
C PRO J 11 24.46 29.04 2.34
N PRO J 12 25.11 30.11 2.84
CA PRO J 12 26.32 30.55 2.17
C PRO J 12 27.38 29.47 2.31
N LEU J 13 28.20 29.29 1.28
CA LEU J 13 29.18 28.19 1.29
C LEU J 13 30.22 28.35 2.40
N SER J 14 30.42 29.58 2.87
CA SER J 14 31.24 29.82 4.04
C SER J 14 30.84 28.88 5.16
N LYS J 15 29.54 28.73 5.39
CA LYS J 15 29.01 27.86 6.45
C LYS J 15 29.14 26.35 6.20
N VAL J 16 29.73 25.97 5.06
CA VAL J 16 29.87 24.58 4.70
C VAL J 16 31.34 24.26 4.51
N PRO J 17 32.00 23.85 5.60
CA PRO J 17 33.43 23.52 5.60
C PRO J 17 33.76 22.43 4.61
N LEU J 18 35.00 22.44 4.13
CA LEU J 18 35.50 21.44 3.20
C LEU J 18 36.55 20.57 3.90
N GLN J 19 36.45 19.26 3.75
CA GLN J 19 37.37 18.38 4.45
C GLN J 19 38.76 18.84 4.05
N GLN J 20 39.58 19.20 5.02
CA GLN J 20 40.98 19.54 4.70
C GLN J 20 41.66 18.31 4.09
N ASN J 21 42.39 18.51 3.00
CA ASN J 21 43.27 17.46 2.51
C ASN J 21 42.54 16.24 1.95
N PHE J 22 41.47 16.47 1.22
CA PHE J 22 40.65 15.38 0.74
C PHE J 22 41.47 14.35 -0.06
N GLN J 23 41.28 13.07 0.28
CA GLN J 23 41.92 11.96 -0.43
C GLN J 23 40.90 11.22 -1.30
N ASP J 24 40.78 11.60 -2.58
CA ASP J 24 39.81 10.98 -3.48
C ASP J 24 39.87 9.45 -3.56
N ASN J 25 41.10 8.90 -3.53
CA ASN J 25 41.28 7.44 -3.50
C ASN J 25 41.12 6.73 -2.13
N GLN J 26 40.77 7.46 -1.08
CA GLN J 26 40.31 6.78 0.11
C GLN J 26 38.81 6.97 0.30
N PHE J 27 38.20 7.92 -0.40
CA PHE J 27 36.76 8.15 -0.25
C PHE J 27 35.92 7.21 -1.12
N HIS J 28 36.58 6.55 -2.09
CA HIS J 28 35.88 5.67 -3.02
C HIS J 28 35.26 4.50 -2.31
N GLY J 29 34.42 3.77 -3.03
CA GLY J 29 33.70 2.62 -2.48
C GLY J 29 32.28 2.96 -2.05
N LYS J 30 31.71 2.04 -1.28
CA LYS J 30 30.32 2.10 -0.88
C LYS J 30 30.15 2.84 0.46
N TRP J 31 29.21 3.77 0.45
CA TRP J 31 28.74 4.47 1.62
C TRP J 31 27.23 4.27 1.82
N TYR J 32 26.81 3.99 3.06
CA TYR J 32 25.39 3.89 3.43
C TYR J 32 24.94 5.25 3.89
N VAL J 33 23.72 5.62 3.54
CA VAL J 33 23.11 6.86 4.01
C VAL J 33 22.41 6.64 5.33
N VAL J 34 23.15 6.93 6.38
CA VAL J 34 22.71 6.79 7.79
C VAL J 34 21.89 7.97 8.26
N GLY J 35 22.14 9.14 7.67
CA GLY J 35 21.41 10.39 7.99
C GLY J 35 21.25 11.18 6.69
N LEU J 36 20.11 11.85 6.57
CA LEU J 36 19.80 12.72 5.43
C LEU J 36 19.04 13.91 5.98
N ALA J 37 19.48 15.11 5.65
CA ALA J 37 18.83 16.33 6.08
C ALA J 37 18.83 17.25 4.87
N GLY J 38 17.74 17.98 4.64
CA GLY J 38 17.68 18.90 3.50
C GLY J 38 16.52 19.87 3.58
N ASN J 39 16.59 20.96 2.80
CA ASN J 39 15.48 21.90 2.78
C ASN J 39 14.22 21.35 2.17
N GLU J 40 14.29 20.27 1.42
CA GLU J 40 13.07 19.71 0.85
C GLU J 40 12.88 18.24 1.22
N VAL J 41 13.46 17.85 2.34
CA VAL J 41 13.25 16.55 2.92
C VAL J 41 12.66 16.74 4.29
N LEU J 42 11.59 15.96 4.56
CA LEU J 42 10.97 15.87 5.86
C LEU J 42 10.88 14.42 6.27
N ARG J 43 10.91 14.21 7.59
CA ARG J 43 10.54 12.94 8.16
C ARG J 43 9.12 12.60 7.77
N GLU J 44 8.92 11.42 7.21
CA GLU J 44 7.61 10.97 6.73
C GLU J 44 7.18 9.76 7.49
N ASP J 45 6.45 10.00 8.58
CA ASP J 45 6.01 8.93 9.47
C ASP J 45 5.14 7.91 8.80
N LYS J 46 4.40 8.33 7.77
CA LYS J 46 3.55 7.41 6.97
C LYS J 46 4.33 6.49 6.06
N ASP J 47 5.55 6.87 5.77
CA ASP J 47 6.39 6.08 4.89
C ASP J 47 7.89 6.36 5.21
N PRO J 48 8.39 5.89 6.35
CA PRO J 48 9.74 6.28 6.75
C PRO J 48 10.79 5.93 5.70
N MET J 49 11.62 6.90 5.36
CA MET J 49 12.67 6.64 4.40
C MET J 49 13.51 5.43 4.84
N LYS J 50 13.73 4.54 3.90
CA LYS J 50 14.64 3.43 4.07
C LYS J 50 16.07 3.77 3.62
N MET J 51 17.04 3.11 4.24
CA MET J 51 18.44 3.35 3.95
C MET J 51 18.73 3.05 2.48
N TRP J 52 19.57 3.90 1.91
CA TRP J 52 20.03 3.77 0.51
C TRP J 52 21.55 3.94 0.57
N ALA J 53 22.19 3.71 -0.56
CA ALA J 53 23.64 3.63 -0.57
C ALA J 53 24.12 4.35 -1.81
N THR J 54 25.29 4.96 -1.69
CA THR J 54 25.96 5.62 -2.79
C THR J 54 27.37 5.00 -2.99
N ILE J 55 27.67 4.60 -4.21
CA ILE J 55 28.90 3.90 -4.50
C ILE J 55 29.76 4.81 -5.39
N TYR J 56 30.96 5.08 -4.92
CA TYR J 56 31.91 6.03 -5.54
C TYR J 56 33.02 5.28 -6.26
N GLU J 57 33.12 5.44 -7.57
CA GLU J 57 34.14 4.78 -8.40
C GLU J 57 35.06 5.87 -8.92
N LEU J 58 36.28 5.96 -8.40
CA LEU J 58 37.23 7.00 -8.86
C LEU J 58 37.77 6.66 -10.23
N GLU J 59 37.57 7.52 -11.22
CA GLU J 59 38.10 7.27 -12.58
C GLU J 59 39.50 7.88 -12.76
N GLU J 60 40.21 7.44 -13.82
CA GLU J 60 41.59 7.88 -14.09
C GLU J 60 41.69 9.39 -14.24
N ASP J 61 40.66 10.02 -14.79
CA ASP J 61 40.59 11.48 -14.88
C ASP J 61 40.12 12.15 -13.58
N LYS J 62 40.05 11.38 -12.49
CA LYS J 62 39.72 11.91 -11.15
C LYS J 62 38.28 12.32 -10.91
N SER J 63 37.40 12.05 -11.87
CA SER J 63 35.99 12.17 -11.60
C SER J 63 35.55 10.92 -10.85
N TYR J 64 34.36 11.02 -10.27
CA TYR J 64 33.68 9.83 -9.77
C TYR J 64 32.50 9.46 -10.66
N ASN J 65 32.43 8.17 -11.01
CA ASN J 65 31.20 7.48 -11.43
C ASN J 65 30.45 6.99 -10.21
N VAL J 66 29.27 7.57 -10.01
CA VAL J 66 28.51 7.36 -8.80
C VAL J 66 27.28 6.49 -9.15
N THR J 67 27.10 5.44 -8.35
CA THR J 67 25.93 4.60 -8.46
C THR J 67 25.14 4.80 -7.19
N ILE J 68 23.86 5.11 -7.35
CA ILE J 68 22.98 5.28 -6.21
C ILE J 68 22.01 4.10 -6.21
N VAL J 69 21.95 3.41 -5.08
CA VAL J 69 21.09 2.23 -4.91
C VAL J 69 19.98 2.57 -3.95
N MET J 70 18.76 2.56 -4.46
CA MET J 70 17.60 2.77 -3.62
C MET J 70 16.62 1.60 -3.60
N PRO J 71 16.15 1.27 -2.42
CA PRO J 71 15.17 0.23 -2.23
C PRO J 71 13.74 0.73 -2.50
N LEU J 72 13.09 0.18 -3.53
CA LEU J 72 11.68 0.49 -3.78
C LEU J 72 10.82 -0.73 -3.41
N ALA J 73 9.52 -0.55 -3.36
CA ALA J 73 8.56 -1.61 -2.99
C ALA J 73 8.76 -2.86 -3.85
N GLU J 74 9.06 -2.70 -5.14
CA GLU J 74 8.98 -3.84 -6.05
C GLU J 74 10.25 -4.15 -6.77
N LYS J 75 11.29 -3.35 -6.53
CA LYS J 75 12.51 -3.50 -7.24
C LYS J 75 13.60 -2.73 -6.50
N CYS J 76 14.83 -2.97 -6.94
CA CYS J 76 15.97 -2.14 -6.59
C CYS J 76 16.20 -1.14 -7.71
N GLU J 77 16.34 0.13 -7.33
CA GLU J 77 16.61 1.21 -8.26
C GLU J 77 18.11 1.60 -8.29
N TYR J 78 18.67 1.64 -9.49
CA TYR J 78 20.07 2.01 -9.66
C TYR J 78 20.07 3.30 -10.49
N LEU J 79 20.57 4.40 -9.91
CA LEU J 79 20.64 5.67 -10.59
C LEU J 79 22.11 6.04 -10.69
N PHE J 80 22.46 6.82 -11.71
CA PHE J 80 23.85 7.12 -12.04
C PHE J 80 24.09 8.62 -12.16
N GLN J 81 25.28 9.03 -11.70
CA GLN J 81 25.78 10.40 -11.82
C GLN J 81 27.28 10.37 -12.00
N THR J 82 27.80 11.51 -12.44
CA THR J 82 29.22 11.75 -12.60
C THR J 82 29.57 12.99 -11.80
N PHE J 83 30.50 12.83 -10.86
CA PHE J 83 30.98 13.95 -10.06
C PHE J 83 32.33 14.34 -10.66
N VAL J 84 32.39 15.55 -11.18
CA VAL J 84 33.60 16.00 -11.84
C VAL J 84 34.30 16.99 -10.91
N PRO J 85 35.61 16.78 -10.63
CA PRO J 85 36.31 17.64 -9.64
C PRO J 85 36.24 19.15 -9.91
N GLY J 86 35.91 19.93 -8.89
CA GLY J 86 35.96 21.41 -8.96
C GLY J 86 37.36 21.96 -8.75
N SER J 87 37.46 23.19 -8.23
CA SER J 87 38.77 23.80 -8.08
C SER J 87 39.53 23.18 -6.89
N GLN J 88 38.78 22.82 -5.85
CA GLN J 88 39.36 22.25 -4.64
C GLN J 88 39.04 20.76 -4.52
N PRO J 89 40.04 19.95 -4.10
CA PRO J 89 39.84 18.54 -3.73
C PRO J 89 38.70 18.40 -2.73
N GLY J 90 37.83 17.42 -2.98
CA GLY J 90 36.65 17.21 -2.15
C GLY J 90 35.44 17.97 -2.63
N GLU J 91 35.62 18.75 -3.70
CA GLU J 91 34.51 19.48 -4.30
C GLU J 91 34.31 19.06 -5.72
N PHE J 92 33.03 18.93 -6.11
CA PHE J 92 32.66 18.47 -7.45
C PHE J 92 31.43 19.20 -7.98
N THR J 93 31.28 19.16 -9.30
CA THR J 93 30.05 19.56 -9.98
C THR J 93 29.45 18.32 -10.68
N LEU J 94 28.20 18.40 -11.07
CA LEU J 94 27.50 17.29 -11.77
C LEU J 94 27.77 17.43 -13.27
N GLY J 95 28.24 16.38 -13.91
CA GLY J 95 28.79 16.50 -15.27
C GLY J 95 28.36 15.43 -16.26
N THR J 104 20.16 24.67 -14.71
CA THR J 104 20.07 23.41 -13.94
C THR J 104 21.46 22.81 -13.76
N SER J 105 21.88 22.66 -12.50
CA SER J 105 23.22 22.21 -12.16
C SER J 105 23.31 21.83 -10.68
N GLY J 106 24.46 21.30 -10.29
CA GLY J 106 24.69 20.93 -8.91
C GLY J 106 26.15 20.91 -8.52
N LEU J 107 26.37 20.98 -7.21
CA LEU J 107 27.67 20.72 -6.67
C LEU J 107 27.64 19.77 -5.47
N VAL J 108 28.83 19.32 -5.15
CA VAL J 108 29.05 18.40 -4.07
C VAL J 108 30.25 18.96 -3.28
N ARG J 109 30.08 19.03 -1.95
CA ARG J 109 31.20 19.35 -1.08
C ARG J 109 31.30 18.33 0.05
N VAL J 110 32.42 17.61 0.09
CA VAL J 110 32.71 16.70 1.18
C VAL J 110 33.12 17.53 2.41
N VAL J 111 32.24 17.55 3.40
CA VAL J 111 32.37 18.41 4.54
C VAL J 111 33.35 17.82 5.56
N SER J 112 33.21 16.52 5.85
CA SER J 112 34.20 15.88 6.70
C SER J 112 34.14 14.36 6.58
N THR J 113 35.28 13.71 6.77
CA THR J 113 35.35 12.25 6.70
C THR J 113 36.63 11.70 7.32
N ASN J 114 36.56 10.50 7.89
CA ASN J 114 37.79 9.79 8.25
C ASN J 114 38.00 8.59 7.32
N TYR J 115 37.19 8.50 6.27
CA TYR J 115 37.40 7.54 5.18
C TYR J 115 37.02 6.10 5.46
N ASN J 116 37.33 5.57 6.63
CA ASN J 116 36.99 4.16 6.87
C ASN J 116 35.78 3.96 7.77
N GLN J 117 35.17 5.06 8.23
CA GLN J 117 33.98 5.00 9.08
C GLN J 117 32.81 5.92 8.70
N HIS J 118 33.07 7.21 8.55
CA HIS J 118 31.99 8.15 8.38
C HIS J 118 32.33 9.27 7.40
N ALA J 119 31.28 9.90 6.86
CA ALA J 119 31.42 11.16 6.15
C ALA J 119 30.16 11.97 6.28
N MET J 120 30.31 13.27 6.12
CA MET J 120 29.22 14.18 5.88
C MET J 120 29.52 14.89 4.57
N VAL J 121 28.51 14.94 3.71
CA VAL J 121 28.65 15.50 2.36
C VAL J 121 27.45 16.38 2.09
N PHE J 122 27.73 17.54 1.52
CA PHE J 122 26.74 18.57 1.23
C PHE J 122 26.47 18.55 -0.26
N PHE J 123 25.20 18.54 -0.62
CA PHE J 123 24.76 18.57 -2.02
C PHE J 123 23.85 19.76 -2.23
N LYS J 124 23.95 20.39 -3.40
CA LYS J 124 23.01 21.42 -3.79
C LYS J 124 22.77 21.33 -5.30
N VAL J 125 21.54 21.61 -5.72
CA VAL J 125 21.19 21.66 -7.11
C VAL J 125 20.38 22.92 -7.32
N VAL J 126 20.43 23.44 -8.52
CA VAL J 126 19.56 24.55 -8.89
C VAL J 126 18.42 23.90 -9.66
N TRP J 127 17.21 24.04 -9.13
CA TRP J 127 16.03 23.37 -9.66
C TRP J 127 14.90 24.38 -9.78
N GLN J 128 14.42 24.59 -11.01
CA GLN J 128 13.32 25.53 -11.30
C GLN J 128 13.55 26.84 -10.60
N ASN J 129 14.77 27.32 -10.68
CA ASN J 129 15.13 28.62 -10.13
C ASN J 129 15.04 28.80 -8.62
N ARG J 130 15.22 27.71 -7.90
CA ARG J 130 15.52 27.78 -6.49
C ARG J 130 16.64 26.81 -6.24
N GLU J 131 17.19 26.87 -5.04
CA GLU J 131 18.28 26.04 -4.63
C GLU J 131 17.75 25.04 -3.64
N VAL J 132 18.01 23.77 -3.94
CA VAL J 132 17.63 22.67 -3.10
C VAL J 132 18.92 22.03 -2.63
N PHE J 133 19.02 21.74 -1.33
CA PHE J 133 20.24 21.21 -0.78
C PHE J 133 19.94 20.12 0.24
N TRP J 134 20.93 19.23 0.37
CA TRP J 134 20.84 18.21 1.38
C TRP J 134 22.23 17.86 1.86
N VAL J 135 22.26 17.31 3.07
CA VAL J 135 23.44 16.76 3.68
C VAL J 135 23.21 15.29 4.00
N THR J 136 24.15 14.46 3.59
CA THR J 136 24.17 13.08 3.94
C THR J 136 25.18 12.79 5.04
N LEU J 137 24.78 11.99 6.01
CA LEU J 137 25.72 11.33 6.91
C LEU J 137 25.92 9.94 6.37
N TYR J 138 27.13 9.69 5.85
CA TYR J 138 27.52 8.42 5.33
C TYR J 138 28.24 7.53 6.38
N GLY J 139 27.91 6.23 6.36
CA GLY J 139 28.63 5.24 7.14
C GLY J 139 29.23 4.17 6.23
N ARG J 140 30.36 3.63 6.64
CA ARG J 140 30.85 2.48 5.90
C ARG J 140 29.98 1.26 6.23
N THR J 141 29.41 1.26 7.43
CA THR J 141 28.45 0.27 7.92
C THR J 141 27.12 1.02 8.08
N LYS J 142 26.05 0.27 8.38
CA LYS J 142 24.70 0.84 8.43
C LYS J 142 24.43 1.60 9.71
N GLU J 143 25.35 1.45 10.66
CA GLU J 143 25.20 2.06 11.96
C GLU J 143 26.41 2.96 12.25
N LEU J 144 26.13 4.09 12.88
CA LEU J 144 27.17 4.95 13.44
C LEU J 144 26.87 5.26 14.89
N THR J 145 27.85 5.80 15.58
CA THR J 145 27.77 6.15 16.99
C THR J 145 26.79 7.30 17.21
N SER J 146 26.19 7.36 18.38
CA SER J 146 25.36 8.49 18.76
C SER J 146 26.08 9.81 18.56
N GLU J 147 27.35 9.89 18.94
CA GLU J 147 28.08 11.15 18.87
C GLU J 147 28.14 11.66 17.41
N LEU J 148 28.40 10.76 16.47
CA LEU J 148 28.49 11.16 15.09
C LEU J 148 27.13 11.62 14.55
N LYS J 149 26.04 10.99 15.00
CA LYS J 149 24.71 11.39 14.59
C LYS J 149 24.33 12.73 15.19
N GLU J 150 24.69 12.92 16.45
CA GLU J 150 24.46 14.21 17.11
C GLU J 150 25.26 15.34 16.43
N ASN J 151 26.46 15.03 15.96
CA ASN J 151 27.24 16.02 15.23
C ASN J 151 26.56 16.43 13.93
N PHE J 152 26.01 15.44 13.24
CA PHE J 152 25.25 15.67 12.01
C PHE J 152 23.99 16.51 12.22
N ILE J 153 23.27 16.23 13.31
CA ILE J 153 22.10 17.04 13.69
C ILE J 153 22.55 18.48 13.93
N ARG J 154 23.61 18.67 14.71
CA ARG J 154 24.12 20.04 15.00
C ARG J 154 24.50 20.78 13.73
N PHE J 155 25.25 20.11 12.86
CA PHE J 155 25.61 20.68 11.57
C PHE J 155 24.40 20.96 10.69
N SER J 156 23.45 20.03 10.61
CA SER J 156 22.24 20.28 9.87
C SER J 156 21.51 21.50 10.35
N LYS J 157 21.38 21.66 11.66
CA LYS J 157 20.71 22.84 12.19
C LYS J 157 21.49 24.12 11.92
N SER J 158 22.81 24.04 11.87
CA SER J 158 23.62 25.23 11.58
C SER J 158 23.27 25.82 10.20
N LEU J 159 22.75 24.98 9.30
CA LEU J 159 22.38 25.45 7.97
C LEU J 159 20.91 25.87 7.89
N GLY J 160 20.26 26.05 9.04
CA GLY J 160 18.88 26.49 9.07
C GLY J 160 17.86 25.40 8.84
N LEU J 161 18.21 24.13 9.08
CA LEU J 161 17.24 23.03 8.95
C LEU J 161 16.58 22.70 10.28
N PRO J 162 15.26 22.88 10.37
CA PRO J 162 14.55 22.46 11.57
C PRO J 162 14.64 20.93 11.75
N GLU J 163 14.41 20.46 12.98
CA GLU J 163 14.61 19.06 13.35
C GLU J 163 13.82 18.05 12.47
N ASN J 164 12.63 18.46 12.06
CA ASN J 164 11.80 17.60 11.23
C ASN J 164 12.28 17.49 9.78
N HIS J 165 13.33 18.25 9.41
CA HIS J 165 14.02 18.09 8.11
C HIS J 165 15.22 17.18 8.19
N ILE J 166 15.36 16.48 9.31
CA ILE J 166 16.49 15.61 9.55
C ILE J 166 15.98 14.17 9.73
N VAL J 167 16.53 13.27 8.91
CA VAL J 167 15.98 11.93 8.76
C VAL J 167 17.08 10.92 8.99
N PHE J 168 16.76 9.85 9.71
CA PHE J 168 17.64 8.69 9.85
C PHE J 168 17.04 7.48 9.14
N PRO J 169 17.49 7.20 7.91
CA PRO J 169 16.88 6.10 7.15
C PRO J 169 17.01 4.77 7.84
N VAL J 170 15.95 3.96 7.69
CA VAL J 170 15.82 2.72 8.42
C VAL J 170 16.78 1.75 7.80
N PRO J 171 17.65 1.14 8.62
CA PRO J 171 18.54 0.12 8.13
C PRO J 171 17.74 -1.04 7.57
N ILE J 172 18.05 -1.44 6.33
CA ILE J 172 17.50 -2.64 5.72
C ILE J 172 18.67 -3.39 5.10
N ASP J 173 18.36 -4.59 4.62
CA ASP J 173 19.32 -5.45 3.98
C ASP J 173 19.10 -5.45 2.47
N GLN J 174 17.87 -5.27 2.03
CA GLN J 174 17.54 -5.45 0.65
C GLN J 174 18.12 -4.35 -0.25
N CYS J 175 18.60 -4.70 -1.44
CA CYS J 175 19.18 -3.75 -2.42
C CYS J 175 20.59 -3.19 -2.06
N ILE J 176 20.76 -2.73 -0.82
CA ILE J 176 22.00 -2.09 -0.37
C ILE J 176 23.16 -2.98 0.09
N ASP J 177 22.89 -4.26 0.31
CA ASP J 177 23.96 -5.21 0.62
C ASP J 177 24.71 -5.80 -0.58
N THR K 4 15.26 -20.49 10.50
CA THR K 4 16.20 -21.11 9.51
C THR K 4 15.98 -20.49 8.14
N SER K 5 16.68 -19.37 7.91
CA SER K 5 16.87 -18.82 6.57
C SER K 5 18.35 -18.91 6.21
N ASP K 6 18.91 -20.08 6.55
CA ASP K 6 20.29 -20.37 6.24
C ASP K 6 20.41 -20.47 4.72
N LEU K 7 21.60 -20.20 4.22
CA LEU K 7 21.87 -20.27 2.81
C LEU K 7 21.60 -21.70 2.34
N ILE K 8 20.79 -21.84 1.30
CA ILE K 8 20.63 -23.09 0.64
C ILE K 8 21.56 -23.09 -0.56
N PRO K 9 22.50 -24.05 -0.62
CA PRO K 9 23.42 -24.03 -1.74
C PRO K 9 22.67 -24.33 -3.03
N ALA K 10 23.15 -23.79 -4.13
CA ALA K 10 22.72 -24.25 -5.47
C ALA K 10 23.04 -25.71 -5.64
N PRO K 11 22.17 -26.50 -6.28
CA PRO K 11 22.48 -27.89 -6.44
C PRO K 11 23.48 -28.06 -7.54
N PRO K 12 24.33 -29.09 -7.44
CA PRO K 12 25.18 -29.35 -8.60
C PRO K 12 24.31 -29.75 -9.77
N LEU K 13 24.78 -29.46 -10.97
CA LEU K 13 24.07 -29.77 -12.20
C LEU K 13 23.84 -31.27 -12.38
N SER K 14 24.58 -32.13 -11.69
CA SER K 14 24.31 -33.58 -11.78
C SER K 14 22.96 -33.91 -11.20
N LYS K 15 22.37 -32.96 -10.44
CA LYS K 15 21.00 -33.13 -9.92
C LYS K 15 19.92 -32.55 -10.79
N VAL K 16 20.28 -31.88 -11.88
CA VAL K 16 19.31 -31.13 -12.69
C VAL K 16 19.16 -31.71 -14.09
N PRO K 17 18.06 -32.42 -14.34
CA PRO K 17 17.90 -32.98 -15.68
C PRO K 17 17.90 -31.93 -16.78
N LEU K 18 18.26 -32.38 -17.98
CA LEU K 18 18.23 -31.55 -19.19
C LEU K 18 17.24 -32.18 -20.12
N GLN K 19 16.29 -31.41 -20.67
CA GLN K 19 15.30 -31.97 -21.60
C GLN K 19 16.08 -32.60 -22.76
N GLN K 20 15.80 -33.85 -23.07
CA GLN K 20 16.55 -34.53 -24.11
C GLN K 20 15.98 -34.14 -25.48
N ASN K 21 16.86 -33.99 -26.46
CA ASN K 21 16.55 -33.59 -27.85
C ASN K 21 15.71 -32.34 -27.97
N PHE K 22 16.25 -31.33 -27.32
CA PHE K 22 15.52 -30.10 -27.15
C PHE K 22 15.30 -29.43 -28.51
N GLN K 23 14.06 -28.99 -28.73
CA GLN K 23 13.65 -28.36 -29.97
C GLN K 23 13.46 -26.85 -29.76
N ASP K 24 14.53 -26.10 -30.05
CA ASP K 24 14.52 -24.67 -29.81
C ASP K 24 13.37 -23.91 -30.51
N ASN K 25 12.99 -24.40 -31.67
CA ASN K 25 11.90 -23.80 -32.42
C ASN K 25 10.50 -24.27 -32.02
N GLN K 26 10.38 -25.16 -31.03
CA GLN K 26 9.08 -25.46 -30.45
C GLN K 26 8.94 -24.82 -29.08
N PHE K 27 10.04 -24.36 -28.51
CA PHE K 27 10.04 -23.78 -27.17
C PHE K 27 9.79 -22.29 -27.20
N HIS K 28 9.88 -21.70 -28.38
CA HIS K 28 9.76 -20.24 -28.53
C HIS K 28 8.35 -19.77 -28.19
N GLY K 29 8.17 -18.46 -28.09
CA GLY K 29 6.88 -17.86 -27.76
C GLY K 29 6.66 -17.53 -26.26
N LYS K 30 5.40 -17.44 -25.86
CA LYS K 30 5.07 -16.96 -24.53
C LYS K 30 4.81 -18.08 -23.53
N TRP K 31 5.40 -17.93 -22.37
CA TRP K 31 5.20 -18.82 -21.30
C TRP K 31 4.78 -18.02 -20.08
N TYR K 32 3.81 -18.53 -19.34
CA TYR K 32 3.41 -17.95 -18.09
C TYR K 32 4.08 -18.66 -16.93
N VAL K 33 4.44 -17.87 -15.92
CA VAL K 33 5.08 -18.41 -14.73
C VAL K 33 4.01 -18.82 -13.75
N VAL K 34 3.70 -20.10 -13.82
CA VAL K 34 2.64 -20.74 -13.03
C VAL K 34 3.18 -21.16 -11.65
N GLY K 35 4.46 -21.49 -11.61
CA GLY K 35 5.14 -21.91 -10.39
C GLY K 35 6.52 -21.30 -10.37
N LEU K 36 7.02 -20.92 -9.18
CA LEU K 36 8.37 -20.42 -9.03
C LEU K 36 8.93 -20.91 -7.72
N ALA K 37 10.14 -21.48 -7.75
CA ALA K 37 10.79 -21.90 -6.52
C ALA K 37 12.25 -21.51 -6.56
N GLY K 38 12.84 -21.13 -5.44
CA GLY K 38 14.27 -20.82 -5.45
C GLY K 38 14.84 -20.65 -4.08
N ASN K 39 16.17 -20.69 -3.99
CA ASN K 39 16.83 -20.52 -2.72
C ASN K 39 16.66 -19.11 -2.07
N GLU K 40 16.29 -18.10 -2.83
CA GLU K 40 16.05 -16.78 -2.29
C GLU K 40 14.68 -16.23 -2.68
N VAL K 41 13.74 -17.17 -2.86
CA VAL K 41 12.36 -16.88 -3.05
C VAL K 41 11.53 -17.57 -1.95
N LEU K 42 10.71 -16.77 -1.26
CA LEU K 42 9.81 -17.25 -0.24
C LEU K 42 8.39 -16.82 -0.61
N ARG K 43 7.43 -17.60 -0.14
CA ARG K 43 6.07 -17.26 -0.26
C ARG K 43 5.84 -16.02 0.64
N GLU K 44 5.26 -14.96 0.09
CA GLU K 44 5.08 -13.73 0.88
C GLU K 44 3.60 -13.44 1.03
N ASP K 45 3.04 -13.84 2.15
CA ASP K 45 1.58 -13.69 2.41
C ASP K 45 1.14 -12.23 2.43
N LYS K 46 2.04 -11.32 2.80
CA LYS K 46 1.73 -9.89 2.82
C LYS K 46 1.69 -9.26 1.42
N ASP K 47 2.30 -9.92 0.45
CA ASP K 47 2.36 -9.39 -0.92
C ASP K 47 2.54 -10.59 -1.88
N PRO K 48 1.49 -11.42 -2.01
CA PRO K 48 1.65 -12.62 -2.80
C PRO K 48 2.08 -12.34 -4.25
N MET K 49 3.12 -13.06 -4.70
CA MET K 49 3.64 -12.83 -6.03
C MET K 49 2.50 -12.97 -7.06
N LYS K 50 2.45 -12.03 -7.97
CA LYS K 50 1.52 -12.09 -9.08
C LYS K 50 2.17 -12.75 -10.31
N MET K 51 1.35 -13.35 -11.15
CA MET K 51 1.86 -14.05 -12.31
C MET K 51 2.54 -13.07 -13.26
N TRP K 52 3.69 -13.52 -13.77
CA TRP K 52 4.48 -12.81 -14.78
C TRP K 52 4.71 -13.75 -15.98
N ALA K 53 5.24 -13.22 -17.10
CA ALA K 53 5.44 -14.00 -18.28
C ALA K 53 6.87 -13.78 -18.86
N THR K 54 7.36 -14.80 -19.54
CA THR K 54 8.61 -14.74 -20.27
C THR K 54 8.37 -15.13 -21.71
N ILE K 55 8.84 -14.28 -22.62
CA ILE K 55 8.63 -14.52 -24.06
C ILE K 55 9.98 -14.81 -24.67
N TYR K 56 10.04 -15.93 -25.36
CA TYR K 56 11.25 -16.41 -25.99
C TYR K 56 11.20 -16.23 -27.53
N GLU K 57 12.05 -15.36 -28.09
CA GLU K 57 12.16 -15.15 -29.54
C GLU K 57 13.43 -15.80 -30.06
N LEU K 58 13.25 -16.85 -30.87
CA LEU K 58 14.38 -17.57 -31.43
C LEU K 58 15.02 -16.78 -32.56
N GLU K 59 16.30 -16.45 -32.41
CA GLU K 59 16.97 -15.67 -33.45
C GLU K 59 17.69 -16.59 -34.41
N GLU K 60 18.04 -16.07 -35.58
CA GLU K 60 18.59 -16.93 -36.62
C GLU K 60 19.92 -17.55 -36.19
N ASP K 61 20.63 -16.87 -35.31
CA ASP K 61 21.85 -17.42 -34.70
C ASP K 61 21.63 -18.42 -33.55
N LYS K 62 20.37 -18.83 -33.34
CA LYS K 62 19.98 -19.81 -32.31
C LYS K 62 19.98 -19.29 -30.85
N SER K 63 20.18 -18.00 -30.66
CA SER K 63 20.01 -17.42 -29.30
C SER K 63 18.55 -17.08 -29.12
N TYR K 64 18.14 -16.89 -27.88
CA TYR K 64 16.80 -16.38 -27.63
C TYR K 64 16.92 -14.95 -27.16
N ASN K 65 16.10 -14.06 -27.74
CA ASN K 65 15.85 -12.75 -27.17
C ASN K 65 14.66 -12.92 -26.27
N VAL K 66 14.84 -12.64 -24.98
CA VAL K 66 13.86 -12.96 -24.00
C VAL K 66 13.29 -11.66 -23.48
N THR K 67 11.97 -11.61 -23.41
CA THR K 67 11.27 -10.47 -22.84
C THR K 67 10.54 -10.92 -21.59
N ILE K 68 10.80 -10.26 -20.47
CA ILE K 68 10.12 -10.57 -19.22
C ILE K 68 9.12 -9.44 -18.94
N VAL K 69 7.86 -9.84 -18.75
CA VAL K 69 6.79 -8.94 -18.44
C VAL K 69 6.35 -9.16 -16.98
N MET K 70 6.54 -8.12 -16.19
CA MET K 70 6.08 -8.14 -14.80
C MET K 70 5.06 -7.05 -14.45
N PRO K 71 4.00 -7.45 -13.79
CA PRO K 71 2.97 -6.54 -13.31
C PRO K 71 3.38 -5.83 -12.05
N LEU K 72 3.50 -4.51 -12.09
CA LEU K 72 3.81 -3.69 -10.94
C LEU K 72 2.57 -2.88 -10.58
N ALA K 73 2.59 -2.25 -9.40
CA ALA K 73 1.40 -1.53 -8.91
C ALA K 73 1.00 -0.43 -9.87
N GLU K 74 1.97 0.26 -10.46
CA GLU K 74 1.63 1.46 -11.27
C GLU K 74 1.97 1.35 -12.77
N LYS K 75 2.46 0.19 -13.24
CA LYS K 75 2.92 0.07 -14.60
C LYS K 75 3.19 -1.38 -14.92
N CYS K 76 3.39 -1.67 -16.21
CA CYS K 76 3.90 -2.97 -16.63
C CYS K 76 5.39 -2.81 -16.83
N GLU K 77 6.18 -3.72 -16.28
CA GLU K 77 7.64 -3.67 -16.44
C GLU K 77 8.06 -4.66 -17.53
N TYR K 78 8.92 -4.23 -18.41
CA TYR K 78 9.43 -5.06 -19.49
C TYR K 78 10.95 -5.13 -19.35
N LEU K 79 11.48 -6.34 -19.12
CA LEU K 79 12.90 -6.53 -18.92
C LEU K 79 13.40 -7.52 -19.98
N PHE K 80 14.70 -7.46 -20.26
CA PHE K 80 15.25 -8.11 -21.47
C PHE K 80 16.52 -8.83 -21.12
N GLN K 81 16.65 -10.03 -21.67
CA GLN K 81 17.87 -10.84 -21.58
C GLN K 81 18.14 -11.49 -22.92
N THR K 82 19.36 -12.02 -23.07
CA THR K 82 19.74 -12.79 -24.25
C THR K 82 20.25 -14.11 -23.74
N PHE K 83 19.65 -15.23 -24.16
CA PHE K 83 20.10 -16.54 -23.76
C PHE K 83 20.93 -17.07 -24.94
N VAL K 84 22.20 -17.31 -24.69
CA VAL K 84 23.12 -17.70 -25.74
C VAL K 84 23.36 -19.20 -25.67
N PRO K 85 23.28 -19.90 -26.80
CA PRO K 85 23.45 -21.35 -26.80
C PRO K 85 24.63 -21.82 -25.95
N GLY K 86 24.39 -22.83 -25.12
CA GLY K 86 25.46 -23.45 -24.33
C GLY K 86 26.08 -24.59 -25.12
N SER K 87 26.59 -25.62 -24.45
CA SER K 87 27.28 -26.70 -25.19
C SER K 87 26.30 -27.74 -25.72
N GLN K 88 25.14 -27.85 -25.09
CA GLN K 88 24.11 -28.81 -25.45
C GLN K 88 22.81 -28.06 -25.71
N PRO K 89 22.02 -28.52 -26.70
CA PRO K 89 20.68 -28.06 -26.94
C PRO K 89 19.89 -28.00 -25.62
N GLY K 90 19.24 -26.88 -25.35
CA GLY K 90 18.41 -26.74 -24.15
C GLY K 90 19.10 -26.06 -22.99
N GLU K 91 20.33 -25.62 -23.25
CA GLU K 91 21.21 -25.04 -22.26
C GLU K 91 21.75 -23.71 -22.76
N PHE K 92 21.76 -22.69 -21.90
CA PHE K 92 22.15 -21.34 -22.32
C PHE K 92 22.94 -20.65 -21.23
N THR K 93 23.74 -19.67 -21.64
CA THR K 93 24.29 -18.73 -20.71
C THR K 93 23.66 -17.35 -20.96
N LEU K 94 23.81 -16.46 -20.01
CA LEU K 94 23.33 -15.11 -20.16
C LEU K 94 24.33 -14.32 -20.99
N GLY K 95 23.95 -13.97 -22.21
CA GLY K 95 24.84 -13.26 -23.12
C GLY K 95 25.07 -11.85 -22.66
N THR K 104 30.14 -11.93 -12.16
CA THR K 104 28.69 -11.99 -12.36
C THR K 104 28.37 -12.71 -13.68
N SER K 105 27.59 -13.79 -13.58
CA SER K 105 27.15 -14.56 -14.76
C SER K 105 25.97 -15.48 -14.38
N GLY K 106 25.46 -16.21 -15.38
CA GLY K 106 24.43 -17.18 -15.16
C GLY K 106 24.22 -18.22 -16.21
N LEU K 107 23.33 -19.15 -15.91
CA LEU K 107 22.95 -20.16 -16.87
C LEU K 107 21.47 -20.49 -16.83
N VAL K 108 21.04 -21.21 -17.86
CA VAL K 108 19.67 -21.55 -18.03
C VAL K 108 19.64 -22.96 -18.53
N ARG K 109 18.78 -23.77 -17.92
CA ARG K 109 18.61 -25.17 -18.38
C ARG K 109 17.15 -25.57 -18.42
N VAL K 110 16.69 -25.94 -19.60
CA VAL K 110 15.35 -26.48 -19.73
C VAL K 110 15.37 -27.91 -19.22
N VAL K 111 14.66 -28.12 -18.12
CA VAL K 111 14.67 -29.35 -17.38
C VAL K 111 13.74 -30.33 -18.02
N SER K 112 12.56 -29.85 -18.39
CA SER K 112 11.60 -30.74 -18.99
C SER K 112 10.50 -29.93 -19.63
N THR K 113 10.01 -30.38 -20.78
CA THR K 113 8.91 -29.68 -21.46
C THR K 113 8.22 -30.50 -22.51
N ASN K 114 6.95 -30.24 -22.77
CA ASN K 114 6.32 -30.82 -23.95
C ASN K 114 5.92 -29.75 -24.96
N TYR K 115 6.47 -28.55 -24.80
CA TYR K 115 6.36 -27.45 -25.79
C TYR K 115 5.03 -26.75 -25.96
N ASN K 116 3.92 -27.48 -25.97
CA ASN K 116 2.61 -26.84 -26.14
C ASN K 116 1.80 -26.73 -24.87
N GLN K 117 2.38 -27.05 -23.72
CA GLN K 117 1.61 -26.99 -22.48
C GLN K 117 2.43 -26.56 -21.28
N HIS K 118 3.51 -27.26 -20.96
CA HIS K 118 4.28 -26.97 -19.76
C HIS K 118 5.79 -27.07 -20.01
N ALA K 119 6.52 -26.43 -19.11
CA ALA K 119 7.96 -26.59 -18.99
C ALA K 119 8.36 -26.37 -17.56
N MET K 120 9.52 -26.92 -17.21
CA MET K 120 10.27 -26.52 -16.04
C MET K 120 11.65 -26.11 -16.50
N VAL K 121 12.11 -24.97 -16.00
CA VAL K 121 13.41 -24.40 -16.39
C VAL K 121 14.16 -23.99 -15.16
N PHE K 122 15.45 -24.31 -15.13
CA PHE K 122 16.33 -24.04 -14.02
C PHE K 122 17.22 -22.86 -14.42
N PHE K 123 17.38 -21.94 -13.50
CA PHE K 123 18.15 -20.75 -13.68
C PHE K 123 19.12 -20.68 -12.52
N LYS K 124 20.34 -20.24 -12.80
CA LYS K 124 21.30 -20.00 -11.75
C LYS K 124 22.12 -18.78 -12.12
N VAL K 125 22.41 -17.97 -11.11
CA VAL K 125 23.37 -16.90 -11.27
C VAL K 125 24.38 -16.84 -10.15
N VAL K 126 25.50 -16.23 -10.47
CA VAL K 126 26.53 -15.92 -9.51
C VAL K 126 26.28 -14.46 -9.14
N TRP K 127 26.00 -14.22 -7.87
CA TRP K 127 25.67 -12.92 -7.34
C TRP K 127 26.46 -12.76 -6.07
N GLN K 128 27.36 -11.78 -6.06
CA GLN K 128 28.18 -11.44 -4.87
C GLN K 128 28.83 -12.66 -4.27
N ASN K 129 29.40 -13.50 -5.12
CA ASN K 129 30.09 -14.70 -4.65
C ASN K 129 29.26 -15.78 -3.99
N ARG K 130 27.95 -15.76 -4.23
CA ARG K 130 27.16 -16.92 -3.88
C ARG K 130 26.34 -17.29 -5.11
N GLU K 131 25.73 -18.47 -5.07
CA GLU K 131 24.91 -18.93 -6.18
C GLU K 131 23.45 -18.82 -5.81
N VAL K 132 22.70 -18.13 -6.66
CA VAL K 132 21.27 -18.00 -6.52
C VAL K 132 20.60 -18.76 -7.66
N PHE K 133 19.60 -19.56 -7.33
CA PHE K 133 18.93 -20.34 -8.33
C PHE K 133 17.44 -20.33 -8.17
N TRP K 134 16.74 -20.49 -9.27
CA TRP K 134 15.33 -20.73 -9.22
C TRP K 134 14.87 -21.63 -10.35
N VAL K 135 13.69 -22.21 -10.14
CA VAL K 135 13.03 -23.07 -11.14
C VAL K 135 11.66 -22.46 -11.45
N THR K 136 11.37 -22.26 -12.72
CA THR K 136 10.04 -21.82 -13.16
C THR K 136 9.24 -23.03 -13.66
N LEU K 137 7.98 -23.11 -13.27
CA LEU K 137 7.03 -23.98 -13.89
C LEU K 137 6.28 -23.07 -14.84
N TYR K 138 6.51 -23.30 -16.12
CA TYR K 138 5.92 -22.52 -17.19
C TYR K 138 4.64 -23.19 -17.72
N GLY K 139 3.62 -22.41 -18.03
CA GLY K 139 2.45 -22.90 -18.76
C GLY K 139 2.23 -22.10 -20.03
N ARG K 140 1.63 -22.73 -21.05
CA ARG K 140 1.24 -21.99 -22.22
C ARG K 140 -0.02 -21.20 -21.88
N THR K 141 -0.77 -21.67 -20.89
CA THR K 141 -1.90 -20.98 -20.33
C THR K 141 -1.58 -20.69 -18.87
N LYS K 142 -2.45 -19.95 -18.21
CA LYS K 142 -2.20 -19.50 -16.84
C LYS K 142 -2.50 -20.54 -15.77
N GLU K 143 -3.00 -21.71 -16.19
CA GLU K 143 -3.36 -22.82 -15.32
C GLU K 143 -2.69 -24.08 -15.82
N LEU K 144 -2.28 -24.92 -14.88
CA LEU K 144 -1.80 -26.28 -15.21
C LEU K 144 -2.49 -27.25 -14.26
N THR K 145 -2.36 -28.54 -14.54
CA THR K 145 -3.01 -29.57 -13.76
C THR K 145 -2.34 -29.66 -12.42
N SER K 146 -3.05 -30.20 -11.45
CA SER K 146 -2.48 -30.56 -10.15
C SER K 146 -1.28 -31.49 -10.21
N GLU K 147 -1.34 -32.46 -11.12
CA GLU K 147 -0.24 -33.42 -11.25
C GLU K 147 1.03 -32.68 -11.67
N LEU K 148 0.93 -31.71 -12.58
CA LEU K 148 2.11 -30.97 -13.00
C LEU K 148 2.64 -30.06 -11.88
N LYS K 149 1.73 -29.45 -11.11
CA LYS K 149 2.15 -28.65 -9.98
C LYS K 149 2.76 -29.52 -8.88
N GLU K 150 2.15 -30.66 -8.59
CA GLU K 150 2.74 -31.63 -7.66
C GLU K 150 4.13 -32.13 -8.11
N ASN K 151 4.31 -32.35 -9.40
CA ASN K 151 5.62 -32.77 -9.86
C ASN K 151 6.67 -31.63 -9.72
N PHE K 152 6.25 -30.38 -9.94
CA PHE K 152 7.12 -29.24 -9.72
C PHE K 152 7.52 -29.08 -8.24
N ILE K 153 6.59 -29.32 -7.34
CA ILE K 153 6.90 -29.32 -5.88
C ILE K 153 7.93 -30.41 -5.56
N ARG K 154 7.68 -31.63 -6.02
CA ARG K 154 8.63 -32.75 -5.82
C ARG K 154 10.03 -32.42 -6.33
N PHE K 155 10.11 -31.94 -7.56
CA PHE K 155 11.39 -31.56 -8.14
C PHE K 155 12.13 -30.43 -7.38
N SER K 156 11.40 -29.39 -6.99
CA SER K 156 11.96 -28.31 -6.19
C SER K 156 12.53 -28.84 -4.88
N LYS K 157 11.82 -29.71 -4.19
CA LYS K 157 12.33 -30.23 -2.94
C LYS K 157 13.53 -31.12 -3.18
N SER K 158 13.56 -31.85 -4.29
CA SER K 158 14.73 -32.68 -4.58
C SER K 158 15.97 -31.78 -4.73
N LEU K 159 15.79 -30.50 -5.04
CA LEU K 159 16.93 -29.59 -5.10
C LEU K 159 17.29 -28.95 -3.76
N GLY K 160 16.73 -29.47 -2.66
CA GLY K 160 16.91 -28.92 -1.32
C GLY K 160 15.99 -27.74 -0.97
N LEU K 161 14.93 -27.48 -1.73
CA LEU K 161 14.10 -26.32 -1.39
C LEU K 161 12.96 -26.66 -0.43
N PRO K 162 12.93 -26.03 0.77
CA PRO K 162 11.78 -26.27 1.61
C PRO K 162 10.49 -25.75 0.98
N GLU K 163 9.39 -26.22 1.51
CA GLU K 163 8.11 -25.91 0.95
C GLU K 163 7.70 -24.39 0.96
N ASN K 164 8.21 -23.60 1.90
CA ASN K 164 7.91 -22.16 1.90
C ASN K 164 8.77 -21.40 0.86
N HIS K 165 9.62 -22.12 0.13
CA HIS K 165 10.35 -21.54 -1.00
C HIS K 165 9.71 -21.84 -2.32
N ILE K 166 8.47 -22.32 -2.29
CA ILE K 166 7.78 -22.70 -3.48
C ILE K 166 6.52 -21.86 -3.61
N VAL K 167 6.40 -21.16 -4.75
CA VAL K 167 5.38 -20.14 -4.89
C VAL K 167 4.53 -20.48 -6.13
N PHE K 168 3.22 -20.24 -6.05
CA PHE K 168 2.34 -20.24 -7.20
C PHE K 168 1.79 -18.85 -7.44
N PRO K 169 2.41 -18.12 -8.39
CA PRO K 169 1.99 -16.78 -8.60
C PRO K 169 0.48 -16.69 -8.95
N VAL K 170 -0.20 -15.67 -8.45
CA VAL K 170 -1.64 -15.45 -8.67
C VAL K 170 -1.93 -15.10 -10.12
N PRO K 171 -2.77 -15.90 -10.80
CA PRO K 171 -3.21 -15.52 -12.15
C PRO K 171 -3.91 -14.13 -12.17
N ILE K 172 -3.45 -13.29 -13.09
CA ILE K 172 -4.02 -11.97 -13.35
C ILE K 172 -4.13 -11.82 -14.86
N ASP K 173 -4.84 -10.80 -15.30
CA ASP K 173 -4.91 -10.41 -16.72
C ASP K 173 -4.01 -9.24 -17.06
N GLN K 174 -3.79 -8.35 -16.10
CA GLN K 174 -3.10 -7.14 -16.44
C GLN K 174 -1.63 -7.39 -16.80
N CYS K 175 -1.13 -6.68 -17.82
CA CYS K 175 0.28 -6.78 -18.31
C CYS K 175 0.62 -8.02 -19.11
N ILE K 176 0.26 -9.17 -18.59
CA ILE K 176 0.68 -10.41 -19.18
C ILE K 176 -0.24 -10.97 -20.25
N ASP K 177 -1.46 -10.47 -20.38
CA ASP K 177 -2.32 -11.00 -21.45
C ASP K 177 -1.91 -10.53 -22.84
N ASP L 6 -18.56 -4.66 -22.11
CA ASP L 6 -17.23 -5.10 -22.62
C ASP L 6 -16.62 -4.08 -23.62
N LEU L 7 -16.13 -4.53 -24.77
CA LEU L 7 -15.44 -3.61 -25.69
C LEU L 7 -16.31 -2.46 -26.10
N ILE L 8 -15.75 -1.27 -26.07
CA ILE L 8 -16.38 -0.11 -26.63
C ILE L 8 -15.53 0.20 -27.85
N PRO L 9 -16.13 0.15 -29.04
CA PRO L 9 -15.37 0.36 -30.26
C PRO L 9 -14.86 1.80 -30.31
N ALA L 10 -13.78 2.05 -31.01
CA ALA L 10 -13.38 3.44 -31.24
C ALA L 10 -14.45 4.12 -32.12
N PRO L 11 -14.78 5.38 -31.83
CA PRO L 11 -15.82 6.03 -32.61
C PRO L 11 -15.37 6.31 -34.04
N PRO L 12 -16.34 6.57 -34.94
CA PRO L 12 -15.93 6.98 -36.29
C PRO L 12 -15.20 8.33 -36.21
N LEU L 13 -14.15 8.48 -37.00
CA LEU L 13 -13.36 9.71 -36.91
C LEU L 13 -14.18 10.93 -37.30
N SER L 14 -15.28 10.74 -38.03
CA SER L 14 -16.24 11.83 -38.27
C SER L 14 -16.76 12.42 -36.97
N LYS L 15 -16.81 11.61 -35.92
CA LYS L 15 -17.27 12.09 -34.62
C LYS L 15 -16.19 12.73 -33.79
N VAL L 16 -14.97 12.80 -34.30
CA VAL L 16 -13.88 13.46 -33.60
C VAL L 16 -13.34 14.63 -34.41
N PRO L 17 -13.92 15.81 -34.16
CA PRO L 17 -13.61 16.99 -34.92
C PRO L 17 -12.19 17.45 -34.69
N LEU L 18 -11.66 18.21 -35.66
CA LEU L 18 -10.42 18.91 -35.46
C LEU L 18 -10.70 20.38 -35.18
N GLN L 19 -9.98 20.94 -34.22
CA GLN L 19 -10.06 22.38 -33.99
C GLN L 19 -9.83 23.15 -35.32
N GLN L 20 -10.75 24.01 -35.75
CA GLN L 20 -10.56 24.70 -37.05
C GLN L 20 -9.41 25.66 -36.86
N ASN L 21 -8.61 25.89 -37.91
CA ASN L 21 -7.51 26.86 -37.88
C ASN L 21 -6.48 26.60 -36.75
N PHE L 22 -6.22 25.33 -36.52
CA PHE L 22 -5.39 24.93 -35.41
C PHE L 22 -4.06 25.66 -35.46
N GLN L 23 -3.67 26.27 -34.34
CA GLN L 23 -2.39 26.99 -34.24
C GLN L 23 -1.32 26.19 -33.47
N ASP L 24 -0.52 25.42 -34.20
CA ASP L 24 0.46 24.52 -33.57
C ASP L 24 1.42 25.24 -32.66
N ASN L 25 1.75 26.47 -33.03
CA ASN L 25 2.65 27.29 -32.24
C ASN L 25 2.00 27.98 -31.05
N GLN L 26 0.69 27.90 -30.89
CA GLN L 26 0.11 28.36 -29.65
C GLN L 26 -0.30 27.17 -28.75
N PHE L 27 -0.28 25.97 -29.30
CA PHE L 27 -0.69 24.82 -28.55
C PHE L 27 0.48 24.25 -27.73
N HIS L 28 1.71 24.63 -28.09
CA HIS L 28 2.88 24.17 -27.36
C HIS L 28 2.86 24.49 -25.85
N GLY L 29 3.83 23.95 -25.12
CA GLY L 29 3.98 24.17 -23.68
C GLY L 29 3.27 23.12 -22.84
N LYS L 30 3.05 23.46 -21.57
CA LYS L 30 2.57 22.53 -20.58
C LYS L 30 1.06 22.55 -20.45
N TRP L 31 0.50 21.36 -20.49
CA TRP L 31 -0.88 21.11 -20.18
C TRP L 31 -1.03 20.09 -19.04
N TYR L 32 -1.96 20.38 -18.14
CA TYR L 32 -2.35 19.50 -17.03
C TYR L 32 -3.53 18.67 -17.45
N VAL L 33 -3.56 17.39 -17.09
CA VAL L 33 -4.69 16.53 -17.39
C VAL L 33 -5.73 16.67 -16.29
N VAL L 34 -6.70 17.51 -16.58
CA VAL L 34 -7.74 17.86 -15.66
C VAL L 34 -8.90 16.85 -15.70
N GLY L 35 -9.03 16.25 -16.84
CA GLY L 35 -10.02 15.24 -17.07
C GLY L 35 -9.45 14.16 -17.98
N LEU L 36 -9.91 12.93 -17.79
CA LEU L 36 -9.48 11.79 -18.60
C LEU L 36 -10.66 10.82 -18.75
N ALA L 37 -10.98 10.47 -19.98
CA ALA L 37 -12.03 9.47 -20.28
C ALA L 37 -11.53 8.51 -21.34
N GLY L 38 -11.90 7.23 -21.26
CA GLY L 38 -11.36 6.29 -22.24
C GLY L 38 -12.09 4.97 -22.19
N ASN L 39 -11.98 4.20 -23.28
CA ASN L 39 -12.68 2.95 -23.28
C ASN L 39 -12.07 1.92 -22.32
N GLU L 40 -10.80 2.12 -21.90
CA GLU L 40 -10.15 1.22 -20.96
C GLU L 40 -9.63 1.98 -19.74
N VAL L 41 -10.35 3.05 -19.39
CA VAL L 41 -10.09 3.81 -18.21
C VAL L 41 -11.37 3.82 -17.40
N LEU L 42 -11.29 3.40 -16.13
CA LEU L 42 -12.38 3.49 -15.17
C LEU L 42 -11.97 4.37 -13.98
N ARG L 43 -12.95 4.97 -13.31
CA ARG L 43 -12.71 5.58 -12.01
C ARG L 43 -12.28 4.51 -11.03
N GLU L 44 -11.20 4.72 -10.32
CA GLU L 44 -10.69 3.70 -9.38
C GLU L 44 -10.71 4.26 -7.99
N ASP L 45 -11.83 4.06 -7.29
CA ASP L 45 -11.96 4.57 -5.91
C ASP L 45 -10.92 4.12 -4.91
N LYS L 46 -10.36 2.93 -5.11
CA LYS L 46 -9.26 2.44 -4.27
C LYS L 46 -7.93 3.13 -4.51
N ASP L 47 -7.78 3.72 -5.71
CA ASP L 47 -6.51 4.35 -6.06
C ASP L 47 -6.76 5.52 -7.05
N PRO L 48 -7.43 6.59 -6.58
CA PRO L 48 -7.92 7.60 -7.53
C PRO L 48 -6.79 8.20 -8.36
N MET L 49 -6.95 8.23 -9.67
CA MET L 49 -5.91 8.76 -10.50
C MET L 49 -5.48 10.16 -10.02
N LYS L 50 -4.17 10.33 -9.92
CA LYS L 50 -3.56 11.63 -9.63
C LYS L 50 -3.26 12.42 -10.95
N MET L 51 -3.31 13.74 -10.85
CA MET L 51 -3.07 14.59 -11.99
C MET L 51 -1.69 14.37 -12.55
N TRP L 52 -1.62 14.33 -13.86
CA TRP L 52 -0.40 14.23 -14.57
C TRP L 52 -0.35 15.37 -15.61
N ALA L 53 0.79 15.54 -16.28
CA ALA L 53 0.99 16.63 -17.22
C ALA L 53 1.64 16.14 -18.51
N THR L 54 1.31 16.83 -19.59
CA THR L 54 1.88 16.57 -20.92
C THR L 54 2.45 17.89 -21.47
N ILE L 55 3.72 17.86 -21.87
CA ILE L 55 4.44 19.04 -22.36
C ILE L 55 4.69 18.85 -23.84
N TYR L 56 4.27 19.86 -24.62
CA TYR L 56 4.39 19.86 -26.08
C TYR L 56 5.48 20.87 -26.50
N GLU L 57 6.58 20.41 -27.10
CA GLU L 57 7.61 21.27 -27.66
C GLU L 57 7.54 21.16 -29.18
N LEU L 58 7.23 22.27 -29.86
CA LEU L 58 7.09 22.30 -31.33
C LEU L 58 8.46 22.30 -31.98
N GLU L 59 8.71 21.37 -32.91
CA GLU L 59 10.00 21.32 -33.59
C GLU L 59 9.92 22.00 -34.95
N GLU L 60 11.08 22.39 -35.48
CA GLU L 60 11.12 23.04 -36.77
C GLU L 60 10.30 22.33 -37.82
N ASP L 61 10.40 21.00 -37.88
CA ASP L 61 9.61 20.20 -38.84
C ASP L 61 8.12 20.04 -38.48
N LYS L 62 7.65 20.79 -37.49
CA LYS L 62 6.24 20.79 -37.07
C LYS L 62 5.74 19.55 -36.31
N SER L 63 6.65 18.65 -35.98
CA SER L 63 6.33 17.59 -35.04
C SER L 63 6.36 18.16 -33.65
N TYR L 64 5.76 17.43 -32.71
CA TYR L 64 5.93 17.75 -31.29
C TYR L 64 6.78 16.68 -30.61
N ASN L 65 7.77 17.11 -29.82
CA ASN L 65 8.39 16.23 -28.84
C ASN L 65 7.56 16.39 -27.59
N VAL L 66 7.01 15.29 -27.13
CA VAL L 66 6.09 15.28 -26.02
C VAL L 66 6.74 14.63 -24.79
N THR L 67 6.59 15.27 -23.62
CA THR L 67 7.10 14.78 -22.35
C THR L 67 5.87 14.57 -21.45
N ILE L 68 5.68 13.33 -21.01
CA ILE L 68 4.61 12.97 -20.08
C ILE L 68 5.18 12.82 -18.69
N VAL L 69 4.61 13.58 -17.76
CA VAL L 69 5.09 13.61 -16.41
C VAL L 69 4.04 13.01 -15.49
N MET L 70 4.38 11.89 -14.86
CA MET L 70 3.42 11.23 -13.97
C MET L 70 3.94 10.97 -12.58
N PRO L 71 3.10 11.26 -11.60
CA PRO L 71 3.49 11.06 -10.24
C PRO L 71 3.31 9.61 -9.84
N LEU L 72 4.39 8.95 -9.47
CA LEU L 72 4.28 7.58 -8.89
C LEU L 72 4.52 7.65 -7.39
N ALA L 73 4.25 6.56 -6.68
CA ALA L 73 4.39 6.56 -5.24
C ALA L 73 5.84 6.92 -4.77
N GLU L 74 6.83 6.58 -5.57
CA GLU L 74 8.19 6.64 -5.09
C GLU L 74 9.10 7.48 -5.99
N LYS L 75 8.56 8.04 -7.07
CA LYS L 75 9.38 8.76 -8.01
C LYS L 75 8.54 9.56 -8.93
N CYS L 76 9.18 10.37 -9.76
CA CYS L 76 8.45 11.04 -10.85
C CYS L 76 8.80 10.26 -12.10
N GLU L 77 7.82 9.92 -12.91
CA GLU L 77 8.07 9.21 -14.10
C GLU L 77 8.01 10.18 -15.30
N TYR L 78 8.96 10.10 -16.21
CA TYR L 78 9.01 10.96 -17.42
C TYR L 78 8.98 10.04 -18.62
N LEU L 79 7.93 10.11 -19.42
CA LEU L 79 7.84 9.29 -20.63
C LEU L 79 7.85 10.21 -21.85
N PHE L 80 8.29 9.71 -23.00
CA PHE L 80 8.51 10.54 -24.18
C PHE L 80 7.84 9.95 -25.39
N GLN L 81 7.26 10.82 -26.21
CA GLN L 81 6.68 10.43 -27.51
C GLN L 81 6.99 11.50 -28.56
N THR L 82 6.84 11.16 -29.83
CA THR L 82 6.91 12.15 -30.89
C THR L 82 5.59 12.15 -31.66
N PHE L 83 4.93 13.30 -31.73
CA PHE L 83 3.69 13.40 -32.50
C PHE L 83 4.05 14.02 -33.85
N VAL L 84 3.88 13.27 -34.91
CA VAL L 84 4.31 13.76 -36.21
C VAL L 84 3.09 14.21 -37.01
N PRO L 85 3.22 15.30 -37.79
CA PRO L 85 2.01 15.85 -38.39
C PRO L 85 1.23 14.76 -39.13
N GLY L 86 -0.08 14.79 -39.02
CA GLY L 86 -0.91 13.75 -39.61
C GLY L 86 -1.55 14.21 -40.89
N SER L 87 -2.78 13.76 -41.15
CA SER L 87 -3.46 13.98 -42.39
C SER L 87 -4.28 15.28 -42.45
N GLN L 88 -4.27 16.08 -41.38
CA GLN L 88 -5.09 17.29 -41.25
C GLN L 88 -4.44 18.24 -40.24
N PRO L 89 -4.72 19.54 -40.35
CA PRO L 89 -4.20 20.38 -39.28
C PRO L 89 -4.79 19.96 -37.93
N GLY L 90 -3.94 19.93 -36.92
CA GLY L 90 -4.32 19.49 -35.57
C GLY L 90 -4.33 17.98 -35.33
N GLU L 91 -4.04 17.20 -36.38
CA GLU L 91 -3.92 15.76 -36.27
C GLU L 91 -2.47 15.31 -36.37
N PHE L 92 -2.11 14.34 -35.53
CA PHE L 92 -0.79 13.76 -35.47
C PHE L 92 -0.83 12.21 -35.42
N THR L 93 0.26 11.57 -35.87
CA THR L 93 0.47 10.14 -35.65
C THR L 93 1.67 9.97 -34.71
N LEU L 94 1.82 8.79 -34.14
CA LEU L 94 2.95 8.52 -33.23
C LEU L 94 4.24 8.15 -33.96
N GLY L 95 5.30 8.92 -33.74
CA GLY L 95 6.61 8.62 -34.32
C GLY L 95 7.25 7.43 -33.65
N THR L 104 0.59 -1.99 -34.71
CA THR L 104 0.73 -1.04 -33.59
C THR L 104 1.00 0.35 -34.16
N SER L 105 0.23 1.33 -33.72
CA SER L 105 0.27 2.69 -34.27
C SER L 105 -0.61 3.57 -33.41
N GLY L 106 -0.67 4.87 -33.74
CA GLY L 106 -1.48 5.81 -32.98
C GLY L 106 -1.91 7.05 -33.73
N LEU L 107 -2.94 7.69 -33.22
CA LEU L 107 -3.54 8.91 -33.75
C LEU L 107 -3.78 9.91 -32.62
N VAL L 108 -3.54 11.18 -32.90
CA VAL L 108 -3.84 12.27 -32.00
C VAL L 108 -4.65 13.31 -32.78
N ARG L 109 -5.73 13.81 -32.18
CA ARG L 109 -6.57 14.88 -32.78
C ARG L 109 -6.91 15.93 -31.73
N VAL L 110 -6.50 17.17 -32.01
CA VAL L 110 -6.82 18.26 -31.11
C VAL L 110 -8.22 18.67 -31.49
N VAL L 111 -9.15 18.35 -30.60
CA VAL L 111 -10.53 18.48 -30.90
C VAL L 111 -10.99 19.90 -30.69
N SER L 112 -10.48 20.55 -29.65
CA SER L 112 -10.98 21.84 -29.23
C SER L 112 -9.99 22.52 -28.30
N THR L 113 -9.69 23.79 -28.55
CA THR L 113 -8.84 24.52 -27.63
C THR L 113 -8.94 26.01 -27.86
N ASN L 114 -8.77 26.79 -26.78
CA ASN L 114 -8.52 28.22 -26.91
C ASN L 114 -7.09 28.57 -26.52
N TYR L 115 -6.22 27.56 -26.47
CA TYR L 115 -4.77 27.70 -26.30
C TYR L 115 -4.26 28.25 -24.95
N ASN L 116 -4.93 29.24 -24.37
CA ASN L 116 -4.42 29.81 -23.14
C ASN L 116 -5.13 29.32 -21.88
N GLN L 117 -6.10 28.41 -22.03
CA GLN L 117 -6.86 27.91 -20.91
C GLN L 117 -7.15 26.42 -20.99
N HIS L 118 -7.76 25.96 -22.09
CA HIS L 118 -8.20 24.56 -22.13
C HIS L 118 -8.05 23.91 -23.48
N ALA L 119 -8.18 22.61 -23.45
CA ALA L 119 -8.18 21.79 -24.66
C ALA L 119 -8.82 20.44 -24.39
N MET L 120 -9.35 19.87 -25.47
CA MET L 120 -9.74 18.47 -25.45
C MET L 120 -9.01 17.84 -26.62
N VAL L 121 -8.34 16.74 -26.31
CA VAL L 121 -7.54 16.01 -27.26
C VAL L 121 -7.96 14.53 -27.25
N PHE L 122 -8.10 13.98 -28.44
CA PHE L 122 -8.48 12.58 -28.65
C PHE L 122 -7.24 11.79 -29.06
N PHE L 123 -7.07 10.63 -28.43
CA PHE L 123 -5.95 9.73 -28.70
C PHE L 123 -6.51 8.36 -28.97
N LYS L 124 -5.93 7.68 -29.95
CA LYS L 124 -6.29 6.29 -30.22
C LYS L 124 -5.02 5.49 -30.54
N VAL L 125 -4.99 4.25 -30.13
CA VAL L 125 -3.93 3.37 -30.55
C VAL L 125 -4.50 2.00 -30.90
N VAL L 126 -3.74 1.29 -31.73
CA VAL L 126 -4.00 -0.06 -32.10
C VAL L 126 -3.15 -0.91 -31.16
N TRP L 127 -3.81 -1.69 -30.31
CA TRP L 127 -3.15 -2.53 -29.32
C TRP L 127 -3.70 -3.95 -29.36
N GLN L 128 -2.85 -4.93 -29.65
CA GLN L 128 -3.22 -6.35 -29.72
C GLN L 128 -4.50 -6.51 -30.56
N ASN L 129 -4.52 -5.85 -31.70
CA ASN L 129 -5.64 -5.99 -32.63
C ASN L 129 -7.01 -5.47 -32.10
N ARG L 130 -6.97 -4.50 -31.19
CA ARG L 130 -8.16 -3.71 -30.84
C ARG L 130 -7.77 -2.26 -30.74
N GLU L 131 -8.78 -1.39 -30.68
CA GLU L 131 -8.53 0.03 -30.63
C GLU L 131 -8.80 0.54 -29.24
N VAL L 132 -7.83 1.25 -28.69
CA VAL L 132 -7.99 1.84 -27.39
C VAL L 132 -7.92 3.33 -27.61
N PHE L 133 -8.84 4.06 -27.00
CA PHE L 133 -8.89 5.48 -27.12
C PHE L 133 -9.23 6.18 -25.78
N TRP L 134 -8.81 7.43 -25.68
CA TRP L 134 -9.05 8.23 -24.54
C TRP L 134 -9.08 9.71 -24.96
N VAL L 135 -9.76 10.51 -24.15
CA VAL L 135 -9.85 11.94 -24.40
C VAL L 135 -9.32 12.61 -23.14
N THR L 136 -8.37 13.56 -23.32
CA THR L 136 -7.89 14.38 -22.21
C THR L 136 -8.58 15.75 -22.24
N LEU L 137 -9.06 16.21 -21.10
CA LEU L 137 -9.39 17.59 -20.89
C LEU L 137 -8.15 18.20 -20.27
N TYR L 138 -7.48 19.02 -21.06
CA TYR L 138 -6.30 19.73 -20.64
C TYR L 138 -6.60 21.12 -20.10
N GLY L 139 -5.86 21.51 -19.08
CA GLY L 139 -5.89 22.89 -18.57
C GLY L 139 -4.48 23.45 -18.53
N ARG L 140 -4.35 24.77 -18.74
CA ARG L 140 -3.07 25.45 -18.51
C ARG L 140 -2.80 25.58 -17.03
N THR L 141 -3.86 25.47 -16.25
CA THR L 141 -3.78 25.39 -14.80
C THR L 141 -4.47 24.08 -14.40
N LYS L 142 -4.36 23.74 -13.13
CA LYS L 142 -4.84 22.47 -12.63
C LYS L 142 -6.36 22.42 -12.44
N GLU L 143 -6.99 23.59 -12.52
CA GLU L 143 -8.43 23.76 -12.32
C GLU L 143 -9.07 24.37 -13.56
N LEU L 144 -10.22 23.85 -13.94
CA LEU L 144 -11.05 24.42 -14.99
C LEU L 144 -12.45 24.63 -14.44
N THR L 145 -13.27 25.35 -15.18
CA THR L 145 -14.63 25.65 -14.79
C THR L 145 -15.55 24.44 -14.87
N SER L 146 -16.62 24.44 -14.07
CA SER L 146 -17.70 23.46 -14.23
C SER L 146 -18.15 23.32 -15.66
N GLU L 147 -18.27 24.46 -16.34
CA GLU L 147 -18.80 24.51 -17.68
C GLU L 147 -17.96 23.64 -18.62
N LEU L 148 -16.65 23.84 -18.61
CA LEU L 148 -15.72 23.07 -19.45
C LEU L 148 -15.69 21.59 -19.11
N LYS L 149 -15.75 21.28 -17.84
CA LYS L 149 -15.81 19.87 -17.43
C LYS L 149 -17.10 19.20 -17.90
N GLU L 150 -18.21 19.89 -17.76
CA GLU L 150 -19.48 19.36 -18.25
C GLU L 150 -19.46 19.16 -19.74
N ASN L 151 -18.86 20.09 -20.45
CA ASN L 151 -18.69 19.94 -21.88
C ASN L 151 -17.80 18.71 -22.21
N PHE L 152 -16.75 18.50 -21.43
CA PHE L 152 -15.92 17.32 -21.57
C PHE L 152 -16.69 16.01 -21.33
N ILE L 153 -17.55 16.00 -20.32
CA ILE L 153 -18.38 14.84 -20.06
C ILE L 153 -19.30 14.51 -21.24
N ARG L 154 -19.97 15.53 -21.78
CA ARG L 154 -20.87 15.38 -22.91
C ARG L 154 -20.08 14.89 -24.11
N PHE L 155 -18.91 15.48 -24.38
CA PHE L 155 -18.13 15.01 -25.51
C PHE L 155 -17.72 13.54 -25.34
N SER L 156 -17.32 13.17 -24.13
CA SER L 156 -16.89 11.78 -23.85
C SER L 156 -18.05 10.80 -24.08
N LYS L 157 -19.23 11.19 -23.64
CA LYS L 157 -20.40 10.36 -23.83
C LYS L 157 -20.82 10.19 -25.28
N SER L 158 -20.65 11.22 -26.08
CA SER L 158 -20.96 11.14 -27.51
C SER L 158 -20.05 10.14 -28.21
N LEU L 159 -18.88 9.84 -27.62
CA LEU L 159 -18.02 8.80 -28.18
C LEU L 159 -18.33 7.41 -27.58
N GLY L 160 -19.42 7.26 -26.85
CA GLY L 160 -19.84 5.97 -26.30
C GLY L 160 -19.27 5.59 -24.94
N LEU L 161 -18.68 6.55 -24.22
CA LEU L 161 -18.13 6.26 -22.89
C LEU L 161 -19.18 6.50 -21.82
N PRO L 162 -19.51 5.48 -21.03
CA PRO L 162 -20.35 5.75 -19.87
C PRO L 162 -19.64 6.53 -18.75
N GLU L 163 -20.45 7.00 -17.81
CA GLU L 163 -19.99 7.93 -16.79
C GLU L 163 -18.81 7.39 -15.97
N ASN L 164 -18.85 6.11 -15.66
CA ASN L 164 -17.78 5.55 -14.83
C ASN L 164 -16.45 5.36 -15.58
N HIS L 165 -16.42 5.61 -16.90
CA HIS L 165 -15.15 5.74 -17.64
C HIS L 165 -14.64 7.17 -17.73
N ILE L 166 -15.14 8.06 -16.89
CA ILE L 166 -14.73 9.47 -16.93
C ILE L 166 -14.14 9.86 -15.60
N VAL L 167 -12.96 10.46 -15.63
CA VAL L 167 -12.13 10.58 -14.46
C VAL L 167 -11.67 12.01 -14.38
N PHE L 168 -11.69 12.56 -13.18
CA PHE L 168 -11.05 13.85 -12.93
C PHE L 168 -9.87 13.64 -12.02
N PRO L 169 -8.65 13.56 -12.60
CA PRO L 169 -7.47 13.30 -11.73
C PRO L 169 -7.28 14.31 -10.61
N VAL L 170 -6.89 13.85 -9.41
CA VAL L 170 -6.71 14.73 -8.27
C VAL L 170 -5.55 15.71 -8.47
N PRO L 171 -5.80 17.04 -8.32
CA PRO L 171 -4.64 17.96 -8.40
C PRO L 171 -3.62 17.70 -7.31
N ILE L 172 -2.35 17.78 -7.65
CA ILE L 172 -1.27 17.58 -6.64
C ILE L 172 -0.15 18.49 -7.09
N ASP L 173 0.88 18.60 -6.28
CA ASP L 173 2.02 19.45 -6.60
C ASP L 173 3.23 18.66 -7.06
N GLN L 174 3.39 17.46 -6.53
CA GLN L 174 4.61 16.73 -6.76
C GLN L 174 4.67 16.38 -8.22
N CYS L 175 5.90 16.43 -8.74
CA CYS L 175 6.22 16.06 -10.11
C CYS L 175 5.75 17.06 -11.17
N ILE L 176 4.46 17.40 -11.15
CA ILE L 176 3.86 18.15 -12.21
C ILE L 176 4.02 19.67 -12.07
N ASP L 177 4.43 20.18 -10.91
CA ASP L 177 4.86 21.61 -10.85
C ASP L 177 6.32 21.74 -11.24
#